data_9FND
#
_entry.id   9FND
#
_cell.length_a   1.00
_cell.length_b   1.00
_cell.length_c   1.00
_cell.angle_alpha   90.00
_cell.angle_beta   90.00
_cell.angle_gamma   90.00
#
_symmetry.space_group_name_H-M   'P 1'
#
loop_
_entity.id
_entity.type
_entity.pdbx_description
1 polymer 'Transcriptional regulator-like protein'
2 polymer PafC
#
loop_
_entity_poly.entity_id
_entity_poly.type
_entity_poly.pdbx_seq_one_letter_code
_entity_poly.pdbx_strand_id
1 'polypeptide(L)'
;GLSAVSKVERLMNLVIALLSTRTYLPAEKIRTTVAGYADSPSDEAFSRMFERDKNELRDLGIPLETGRVSKWDSTEGYRI
NRDSYALPPIGLTADEAAAVAVATQLWQSPELVTATQNAVLKLRAAGVDVDADGVGVAIASTATLPGVRGSEEVLQSLLS
AIDEGRAVQFEHRPSRSADYTTRTVEPWGVVTHRGRWYLVGHDRDREDTRTFRLSRISAAARPIGPAGAVQKPQDVNLRD
IVRRAVAEQPTGERARIWIAGGRATALRRQAVTSTPRTIGGRAGEEITVDIGTWDRLAREIASYGSDAVALEPSSLRDDV
VERLRAHAAGGER
;
X
2 'polypeptide(L)'
;MSQVSTRLVRLLNMVPYFQANPKVTRAEAAAALGVTGKQLDADLDQLWMCGLPGYSPGDLIDFDFVGDTIEVTFSAGVDH
PLRLTSTEATGILVALRALVDVPGMVDPEAARSAIAKIESAVGSQRAVVEGITEDTSAEPGAAATVRTAVRENRALTLEY
YSASRDSLATRTVDPIRVVLVGDNSYLEAWCRSAEAVRLFRFDRIVDAQLLDDPAAPPPPAVAAGPDTSLFDADPSLPSA
TLLIGAAAAWMFDYYPLRDITERPDGSCEATMTYASEDWMARFILGFGAEVQVLAPESLATRVRQAAEAALQAYARCV
;
Y
#
# COMPACT_ATOMS: atom_id res chain seq x y z
N ALA A 4 34.79 -6.27 32.16
CA ALA A 4 33.36 -6.33 31.91
C ALA A 4 32.96 -5.36 30.80
N VAL A 5 32.79 -5.90 29.59
CA VAL A 5 32.41 -5.12 28.41
C VAL A 5 31.16 -5.72 27.83
N SER A 6 30.14 -4.90 27.60
CA SER A 6 28.88 -5.38 27.04
C SER A 6 29.05 -5.74 25.57
N LYS A 7 28.09 -6.52 25.06
CA LYS A 7 28.16 -6.96 23.67
C LYS A 7 28.08 -5.79 22.71
N VAL A 8 27.17 -4.85 22.96
CA VAL A 8 26.99 -3.71 22.06
C VAL A 8 28.27 -2.86 22.04
N GLU A 9 28.84 -2.61 23.21
CA GLU A 9 30.07 -1.83 23.29
C GLU A 9 31.21 -2.54 22.57
N ARG A 10 31.30 -3.86 22.74
CA ARG A 10 32.34 -4.62 22.05
C ARG A 10 32.20 -4.54 20.54
N LEU A 11 30.97 -4.69 20.04
CA LEU A 11 30.74 -4.62 18.60
C LEU A 11 31.05 -3.23 18.06
N MET A 12 30.65 -2.19 18.80
CA MET A 12 30.94 -0.82 18.36
C MET A 12 32.44 -0.57 18.33
N ASN A 13 33.17 -1.02 19.36
CA ASN A 13 34.61 -0.88 19.34
C ASN A 13 35.23 -1.62 18.17
N LEU A 14 34.75 -2.82 17.88
CA LEU A 14 35.30 -3.60 16.78
C LEU A 14 35.09 -2.90 15.44
N VAL A 15 33.88 -2.40 15.20
CA VAL A 15 33.60 -1.77 13.91
C VAL A 15 34.35 -0.45 13.79
N ILE A 16 34.48 0.30 14.88
CA ILE A 16 35.24 1.55 14.85
C ILE A 16 36.71 1.26 14.55
N ALA A 17 37.28 0.24 15.20
CA ALA A 17 38.67 -0.10 14.98
C ALA A 17 38.90 -0.56 13.54
N LEU A 18 37.99 -1.36 13.00
CA LEU A 18 38.14 -1.79 11.62
C LEU A 18 38.02 -0.62 10.65
N LEU A 19 37.11 0.31 10.91
CA LEU A 19 36.90 1.41 9.98
C LEU A 19 38.08 2.36 9.95
N SER A 20 38.78 2.54 11.08
CA SER A 20 39.81 3.55 11.21
C SER A 20 41.20 3.04 10.84
N THR A 21 41.32 1.81 10.37
CA THR A 21 42.61 1.22 10.05
C THR A 21 42.73 1.02 8.54
N ARG A 22 43.84 1.48 7.97
CA ARG A 22 44.08 1.38 6.54
C ARG A 22 44.85 0.12 6.15
N THR A 23 45.14 -0.76 7.10
CA THR A 23 45.82 -2.02 6.83
C THR A 23 45.05 -3.16 7.45
N TYR A 24 45.11 -4.32 6.81
CA TYR A 24 44.37 -5.48 7.28
C TYR A 24 44.88 -5.93 8.65
N LEU A 25 43.95 -6.29 9.53
CA LEU A 25 44.27 -6.62 10.91
C LEU A 25 44.09 -8.12 11.14
N PRO A 26 45.13 -8.84 11.54
CA PRO A 26 44.96 -10.27 11.87
C PRO A 26 44.24 -10.45 13.19
N ALA A 27 43.87 -11.70 13.46
CA ALA A 27 43.06 -12.00 14.63
C ALA A 27 43.78 -11.69 15.93
N GLU A 28 45.09 -11.98 16.00
CA GLU A 28 45.82 -11.77 17.25
C GLU A 28 45.93 -10.29 17.60
N LYS A 29 46.14 -9.44 16.59
CA LYS A 29 46.19 -8.00 16.84
C LYS A 29 44.84 -7.49 17.35
N ILE A 30 43.74 -7.99 16.78
CA ILE A 30 42.42 -7.62 17.24
C ILE A 30 42.21 -8.07 18.68
N ARG A 31 42.67 -9.28 19.01
CA ARG A 31 42.56 -9.77 20.38
C ARG A 31 43.33 -8.90 21.35
N THR A 32 44.53 -8.46 20.96
CA THR A 32 45.36 -7.69 21.87
C THR A 32 44.85 -6.26 22.03
N THR A 33 44.42 -5.62 20.94
CA THR A 33 44.17 -4.18 20.95
C THR A 33 42.73 -3.84 21.37
N VAL A 34 41.74 -4.34 20.62
CA VAL A 34 40.35 -3.97 20.87
C VAL A 34 39.91 -4.51 22.22
N ALA A 35 39.27 -3.64 23.01
CA ALA A 35 38.77 -4.04 24.31
C ALA A 35 37.66 -5.08 24.18
N GLY A 36 37.54 -5.93 25.19
CA GLY A 36 36.59 -7.01 25.21
C GLY A 36 37.15 -8.36 24.81
N TYR A 37 38.31 -8.36 24.14
CA TYR A 37 38.98 -9.59 23.72
C TYR A 37 40.18 -9.93 24.58
N ALA A 38 40.24 -9.41 25.81
CA ALA A 38 41.33 -9.70 26.73
C ALA A 38 40.88 -10.48 27.96
N ASP A 39 39.61 -10.89 28.00
CA ASP A 39 39.07 -11.62 29.13
C ASP A 39 38.77 -13.09 28.81
N SER A 40 39.05 -13.54 27.60
CA SER A 40 38.76 -14.91 27.23
C SER A 40 39.72 -15.86 27.95
N PRO A 41 39.22 -16.85 28.69
CA PRO A 41 40.13 -17.76 29.43
C PRO A 41 41.04 -18.57 28.53
N SER A 42 40.68 -18.78 27.26
CA SER A 42 41.49 -19.60 26.37
C SER A 42 41.40 -19.05 24.96
N ASP A 43 42.36 -19.47 24.13
CA ASP A 43 42.38 -19.01 22.74
C ASP A 43 41.18 -19.52 21.96
N GLU A 44 40.76 -20.76 22.22
CA GLU A 44 39.62 -21.32 21.50
C GLU A 44 38.33 -20.54 21.81
N ALA A 45 38.14 -20.17 23.07
CA ALA A 45 36.97 -19.39 23.44
C ALA A 45 36.97 -18.02 22.75
N PHE A 46 38.14 -17.38 22.71
CA PHE A 46 38.24 -16.11 21.99
C PHE A 46 37.92 -16.28 20.52
N SER A 47 38.43 -17.35 19.90
CA SER A 47 38.15 -17.59 18.49
C SER A 47 36.66 -17.78 18.25
N ARG A 48 35.99 -18.54 19.13
CA ARG A 48 34.56 -18.77 18.97
C ARG A 48 33.77 -17.46 19.13
N MET A 49 34.11 -16.67 20.15
CA MET A 49 33.42 -15.40 20.37
C MET A 49 33.63 -14.46 19.19
N PHE A 50 34.86 -14.37 18.69
CA PHE A 50 35.16 -13.51 17.55
C PHE A 50 34.40 -13.97 16.31
N GLU A 51 34.33 -15.28 16.08
CA GLU A 51 33.58 -15.78 14.93
C GLU A 51 32.10 -15.47 15.05
N ARG A 52 31.53 -15.61 16.25
CA ARG A 52 30.12 -15.27 16.42
C ARG A 52 29.88 -13.78 16.18
N ASP A 53 30.77 -12.93 16.70
CA ASP A 53 30.63 -11.48 16.48
C ASP A 53 30.78 -11.11 15.01
N LYS A 54 31.74 -11.70 14.30
CA LYS A 54 31.90 -11.45 12.87
C LYS A 54 30.70 -11.94 12.08
N ASN A 55 30.13 -13.09 12.44
CA ASN A 55 28.91 -13.55 11.78
C ASN A 55 27.76 -12.57 11.98
N GLU A 56 27.60 -12.07 13.21
CA GLU A 56 26.54 -11.11 13.47
C GLU A 56 26.75 -9.82 12.68
N LEU A 57 27.98 -9.31 12.67
CA LEU A 57 28.25 -8.06 11.95
C LEU A 57 28.04 -8.24 10.45
N ARG A 58 28.46 -9.38 9.89
CA ARG A 58 28.21 -9.64 8.47
C ARG A 58 26.72 -9.78 8.20
N ASP A 59 25.96 -10.36 9.14
CA ASP A 59 24.51 -10.46 8.98
C ASP A 59 23.85 -9.09 8.99
N LEU A 60 24.40 -8.14 9.75
CA LEU A 60 23.83 -6.79 9.81
C LEU A 60 24.08 -5.98 8.53
N GLY A 61 24.72 -6.57 7.51
CA GLY A 61 24.91 -5.90 6.25
C GLY A 61 26.21 -5.14 6.09
N ILE A 62 27.05 -5.09 7.12
CA ILE A 62 28.32 -4.38 7.03
C ILE A 62 29.27 -5.18 6.13
N PRO A 63 29.81 -4.57 5.07
CA PRO A 63 30.63 -5.30 4.08
C PRO A 63 32.08 -5.53 4.50
N LEU A 64 32.30 -6.58 5.29
CA LEU A 64 33.66 -6.96 5.66
C LEU A 64 34.40 -7.51 4.45
N GLU A 65 35.70 -7.21 4.39
CA GLU A 65 36.57 -7.71 3.33
C GLU A 65 37.77 -8.41 3.97
N THR A 66 38.07 -9.62 3.49
CA THR A 66 39.19 -10.40 3.99
C THR A 66 40.28 -10.47 2.93
N GLY A 67 41.52 -10.25 3.36
CA GLY A 67 42.64 -10.31 2.43
C GLY A 67 43.94 -10.65 3.11
N ARG A 68 45.06 -10.36 2.47
CA ARG A 68 46.37 -10.54 3.08
C ARG A 68 46.91 -9.21 3.56
N VAL A 69 47.65 -9.25 4.67
CA VAL A 69 48.13 -8.03 5.30
C VAL A 69 49.03 -7.25 4.35
N SER A 70 49.96 -7.94 3.70
CA SER A 70 50.87 -7.30 2.76
C SER A 70 51.45 -8.37 1.85
N LYS A 71 52.19 -7.92 0.84
CA LYS A 71 52.86 -8.84 -0.07
C LYS A 71 54.00 -9.59 0.59
N TRP A 72 54.45 -9.15 1.76
CA TRP A 72 55.53 -9.81 2.49
C TRP A 72 55.02 -10.67 3.65
N ASP A 73 53.70 -10.84 3.78
CA ASP A 73 53.12 -11.65 4.84
C ASP A 73 51.97 -12.47 4.27
N SER A 74 51.60 -13.52 4.99
CA SER A 74 50.58 -14.45 4.52
C SER A 74 49.37 -14.58 5.44
N THR A 75 49.46 -14.12 6.69
CA THR A 75 48.33 -14.23 7.60
C THR A 75 47.16 -13.39 7.12
N GLU A 76 45.95 -13.95 7.21
CA GLU A 76 44.77 -13.25 6.73
C GLU A 76 44.39 -12.12 7.67
N GLY A 77 43.88 -11.04 7.08
CA GLY A 77 43.45 -9.87 7.83
C GLY A 77 42.12 -9.37 7.33
N TYR A 78 41.51 -8.50 8.14
CA TYR A 78 40.15 -8.02 7.92
C TYR A 78 40.16 -6.51 7.72
N ARG A 79 39.14 -6.01 7.02
CA ARG A 79 39.00 -4.58 6.80
C ARG A 79 37.54 -4.29 6.49
N ILE A 80 37.17 -3.02 6.65
CA ILE A 80 35.85 -2.52 6.26
C ILE A 80 36.06 -1.37 5.29
N ASN A 81 35.58 -1.53 4.05
CA ASN A 81 35.76 -0.50 3.05
C ASN A 81 34.93 0.73 3.39
N ARG A 82 35.57 1.89 3.38
CA ARG A 82 34.85 3.12 3.68
C ARG A 82 33.95 3.55 2.54
N ASP A 83 34.32 3.22 1.30
CA ASP A 83 33.49 3.60 0.17
C ASP A 83 32.23 2.75 0.09
N SER A 84 32.35 1.44 0.28
CA SER A 84 31.20 0.55 0.18
C SER A 84 30.23 0.70 1.34
N TYR A 85 30.73 1.09 2.52
CA TYR A 85 29.89 1.23 3.70
C TYR A 85 29.01 2.48 3.67
N ALA A 86 29.41 3.52 2.93
CA ALA A 86 28.73 4.80 2.96
C ALA A 86 27.79 4.91 1.77
N LEU A 87 26.52 5.19 2.05
CA LEU A 87 25.57 5.46 0.99
C LEU A 87 25.82 6.83 0.39
N PRO A 88 25.61 7.00 -0.92
CA PRO A 88 25.85 8.29 -1.54
C PRO A 88 24.90 9.33 -1.00
N PRO A 89 25.32 10.59 -0.93
CA PRO A 89 24.44 11.64 -0.40
C PRO A 89 23.24 11.88 -1.31
N ILE A 90 22.13 12.28 -0.69
CA ILE A 90 20.88 12.53 -1.40
C ILE A 90 20.26 13.80 -0.86
N GLY A 91 19.73 14.62 -1.76
CA GLY A 91 19.04 15.83 -1.40
C GLY A 91 17.55 15.66 -1.57
N LEU A 92 16.81 15.92 -0.49
CA LEU A 92 15.36 15.72 -0.46
C LEU A 92 14.66 17.05 -0.27
N THR A 93 13.62 17.28 -1.08
CA THR A 93 12.79 18.46 -0.94
C THR A 93 11.66 18.18 0.05
N ALA A 94 10.80 19.19 0.24
CA ALA A 94 9.68 19.02 1.16
C ALA A 94 8.70 17.98 0.65
N ASP A 95 8.45 17.94 -0.67
CA ASP A 95 7.49 17.00 -1.22
C ASP A 95 7.94 15.56 -1.00
N GLU A 96 9.21 15.27 -1.23
CA GLU A 96 9.71 13.91 -1.04
C GLU A 96 9.68 13.52 0.44
N ALA A 97 10.03 14.45 1.33
CA ALA A 97 9.97 14.18 2.76
C ALA A 97 8.54 13.87 3.19
N ALA A 98 7.58 14.64 2.70
CA ALA A 98 6.18 14.38 3.02
C ALA A 98 5.74 13.01 2.47
N ALA A 99 6.18 12.68 1.26
CA ALA A 99 5.83 11.38 0.67
C ALA A 99 6.37 10.24 1.52
N VAL A 100 7.62 10.34 1.95
CA VAL A 100 8.21 9.28 2.76
C VAL A 100 7.51 9.19 4.11
N ALA A 101 7.19 10.33 4.71
CA ALA A 101 6.52 10.34 6.01
C ALA A 101 5.13 9.72 5.91
N VAL A 102 4.43 9.95 4.81
CA VAL A 102 3.11 9.34 4.62
C VAL A 102 3.26 7.84 4.38
N ALA A 103 4.25 7.44 3.57
CA ALA A 103 4.41 6.04 3.20
C ALA A 103 4.98 5.18 4.32
N THR A 104 5.61 5.77 5.33
CA THR A 104 6.15 4.99 6.42
C THR A 104 5.10 4.50 7.39
N GLN A 105 3.84 4.93 7.25
CA GLN A 105 2.77 4.56 8.16
C GLN A 105 1.71 3.67 7.49
N LEU A 106 2.14 2.76 6.61
CA LEU A 106 1.20 1.86 5.95
C LEU A 106 1.25 0.44 6.52
N TRP A 107 2.44 -0.08 6.76
CA TRP A 107 2.59 -1.48 7.15
C TRP A 107 2.10 -1.71 8.58
N GLN A 108 1.76 -2.97 8.86
CA GLN A 108 1.34 -3.39 10.20
C GLN A 108 2.06 -4.63 10.71
N SER A 109 2.68 -5.43 9.85
CA SER A 109 3.43 -6.58 10.32
C SER A 109 4.67 -6.11 11.10
N PRO A 110 4.97 -6.74 12.24
CA PRO A 110 6.11 -6.28 13.05
C PRO A 110 7.44 -6.28 12.30
N GLU A 111 7.68 -7.28 11.46
CA GLU A 111 8.93 -7.34 10.72
C GLU A 111 9.03 -6.21 9.70
N LEU A 112 7.96 -6.00 8.93
CA LEU A 112 7.95 -4.91 7.97
C LEU A 112 8.02 -3.56 8.67
N VAL A 113 7.33 -3.43 9.80
CA VAL A 113 7.38 -2.17 10.56
C VAL A 113 8.81 -1.90 11.02
N THR A 114 9.49 -2.92 11.54
CA THR A 114 10.87 -2.73 11.99
C THR A 114 11.78 -2.37 10.84
N ALA A 115 11.65 -3.05 9.69
CA ALA A 115 12.49 -2.75 8.54
C ALA A 115 12.27 -1.34 8.04
N THR A 116 11.00 -0.92 7.93
CA THR A 116 10.69 0.44 7.48
C THR A 116 11.20 1.47 8.47
N GLN A 117 11.07 1.21 9.78
CA GLN A 117 11.58 2.13 10.78
C GLN A 117 13.09 2.28 10.68
N ASN A 118 13.81 1.17 10.48
CA ASN A 118 15.26 1.25 10.33
C ASN A 118 15.64 2.01 9.08
N ALA A 119 14.93 1.78 7.97
CA ALA A 119 15.22 2.50 6.74
C ALA A 119 14.98 3.99 6.90
N VAL A 120 13.89 4.37 7.57
CA VAL A 120 13.59 5.77 7.79
C VAL A 120 14.63 6.40 8.71
N LEU A 121 15.08 5.66 9.73
CA LEU A 121 16.12 6.18 10.60
C LEU A 121 17.41 6.43 9.84
N LYS A 122 17.80 5.49 8.97
CA LYS A 122 19.01 5.70 8.17
C LYS A 122 18.84 6.89 7.23
N LEU A 123 17.66 7.01 6.60
CA LEU A 123 17.43 8.13 5.70
C LEU A 123 17.51 9.47 6.43
N ARG A 124 16.92 9.54 7.63
CA ARG A 124 16.99 10.77 8.41
C ARG A 124 18.42 11.07 8.83
N ALA A 125 19.17 10.05 9.24
CA ALA A 125 20.57 10.24 9.60
C ALA A 125 21.43 10.62 8.41
N ALA A 126 20.95 10.35 7.19
CA ALA A 126 21.72 10.76 6.01
C ALA A 126 21.82 12.27 5.90
N GLY A 127 20.88 13.00 6.48
CA GLY A 127 20.94 14.46 6.46
C GLY A 127 19.60 15.12 6.24
N VAL A 128 18.66 14.41 5.62
CA VAL A 128 17.35 14.97 5.31
C VAL A 128 16.50 15.03 6.56
N ASP A 129 15.38 15.74 6.49
CA ASP A 129 14.46 15.90 7.62
C ASP A 129 13.08 15.40 7.19
N VAL A 130 12.71 14.20 7.62
CA VAL A 130 11.41 13.61 7.31
C VAL A 130 10.48 13.85 8.49
N ASP A 131 9.38 14.55 8.25
CA ASP A 131 8.42 14.91 9.28
C ASP A 131 7.02 14.52 8.82
N ALA A 132 6.27 13.86 9.71
CA ALA A 132 4.93 13.40 9.39
C ALA A 132 3.83 14.31 9.93
N ASP A 133 4.11 15.08 10.98
CA ASP A 133 3.09 15.94 11.58
C ASP A 133 2.72 17.12 10.70
N GLY A 134 3.59 17.51 9.76
CA GLY A 134 3.29 18.65 8.92
C GLY A 134 2.11 18.42 8.00
N VAL A 135 2.06 17.26 7.36
CA VAL A 135 0.97 16.96 6.43
C VAL A 135 -0.33 16.75 7.19
N GLY A 136 -0.28 16.09 8.34
CA GLY A 136 -1.49 15.80 9.10
C GLY A 136 -2.41 14.81 8.44
N VAL A 137 -1.86 13.74 7.86
CA VAL A 137 -2.65 12.68 7.22
C VAL A 137 -2.40 11.39 7.98
N ALA A 138 -3.47 10.72 8.39
CA ALA A 138 -3.39 9.49 9.16
C ALA A 138 -3.98 8.33 8.35
N ILE A 139 -3.94 7.14 8.94
CA ILE A 139 -4.49 5.94 8.35
C ILE A 139 -5.60 5.43 9.25
N ALA A 140 -6.79 5.27 8.68
CA ALA A 140 -7.96 4.82 9.43
C ALA A 140 -8.06 3.30 9.49
N SER A 141 -8.12 2.66 8.33
CA SER A 141 -8.27 1.21 8.28
C SER A 141 -6.93 0.53 8.47
N THR A 142 -6.87 -0.41 9.41
CA THR A 142 -5.67 -1.19 9.65
C THR A 142 -5.92 -2.69 9.74
N ALA A 143 -7.18 -3.15 9.70
CA ALA A 143 -7.48 -4.57 9.80
C ALA A 143 -8.57 -5.01 8.84
N THR A 144 -8.98 -4.17 7.90
CA THR A 144 -10.03 -4.53 6.95
C THR A 144 -9.58 -4.46 5.50
N LEU A 145 -8.33 -4.12 5.23
CA LEU A 145 -7.85 -3.98 3.86
C LEU A 145 -7.64 -5.35 3.25
N PRO A 146 -8.26 -5.66 2.10
CA PRO A 146 -8.01 -6.95 1.44
C PRO A 146 -6.77 -6.98 0.56
N GLY A 147 -6.23 -5.81 0.20
CA GLY A 147 -5.04 -5.76 -0.62
C GLY A 147 -3.77 -5.51 0.18
N VAL A 148 -3.82 -4.55 1.11
CA VAL A 148 -2.62 -4.16 1.85
C VAL A 148 -2.52 -4.97 3.14
N ARG A 149 -3.51 -4.84 4.01
CA ARG A 149 -3.48 -5.56 5.29
C ARG A 149 -3.70 -7.05 5.08
N GLY A 150 -4.71 -7.42 4.28
CA GLY A 150 -4.99 -8.83 4.07
C GLY A 150 -3.84 -9.55 3.39
N SER A 151 -3.27 -8.93 2.36
CA SER A 151 -2.12 -9.49 1.65
C SER A 151 -0.83 -8.86 2.17
N GLU A 152 -0.53 -9.12 3.44
CA GLU A 152 0.67 -8.60 4.08
C GLU A 152 1.73 -9.68 4.29
N GLU A 153 1.37 -10.76 4.96
CA GLU A 153 2.32 -11.85 5.19
C GLU A 153 2.70 -12.53 3.87
N VAL A 154 1.72 -12.73 2.99
CA VAL A 154 2.00 -13.34 1.70
C VAL A 154 2.97 -12.49 0.90
N LEU A 155 2.77 -11.17 0.91
CA LEU A 155 3.68 -10.27 0.19
C LEU A 155 5.08 -10.33 0.79
N GLN A 156 5.18 -10.40 2.12
CA GLN A 156 6.48 -10.50 2.76
C GLN A 156 7.19 -11.78 2.35
N SER A 157 6.46 -12.91 2.33
CA SER A 157 7.06 -14.17 1.92
C SER A 157 7.51 -14.11 0.46
N LEU A 158 6.69 -13.53 -0.41
CA LEU A 158 7.07 -13.43 -1.82
C LEU A 158 8.30 -12.56 -1.99
N LEU A 159 8.37 -11.43 -1.27
CA LEU A 159 9.54 -10.56 -1.38
C LEU A 159 10.79 -11.27 -0.88
N SER A 160 10.69 -12.00 0.24
CA SER A 160 11.83 -12.73 0.75
C SER A 160 12.30 -13.79 -0.24
N ALA A 161 11.35 -14.52 -0.84
CA ALA A 161 11.72 -15.54 -1.81
C ALA A 161 12.37 -14.94 -3.04
N ILE A 162 11.86 -13.80 -3.53
CA ILE A 162 12.46 -13.14 -4.68
C ILE A 162 13.86 -12.64 -4.34
N ASP A 163 14.04 -12.10 -3.13
CA ASP A 163 15.37 -11.66 -2.71
C ASP A 163 16.34 -12.83 -2.65
N GLU A 164 15.89 -13.98 -2.16
CA GLU A 164 16.74 -15.16 -2.07
C GLU A 164 16.85 -15.92 -3.38
N GLY A 165 16.10 -15.53 -4.41
CA GLY A 165 16.17 -16.20 -5.69
C GLY A 165 15.73 -17.65 -5.66
N ARG A 166 14.59 -17.91 -5.02
CA ARG A 166 14.08 -19.26 -4.86
C ARG A 166 12.64 -19.33 -5.35
N ALA A 167 12.25 -20.51 -5.82
CA ALA A 167 10.88 -20.72 -6.27
C ALA A 167 9.93 -20.79 -5.07
N VAL A 168 8.64 -20.71 -5.36
CA VAL A 168 7.62 -20.70 -4.31
C VAL A 168 6.61 -21.81 -4.60
N GLN A 169 6.05 -22.34 -3.51
CA GLN A 169 4.97 -23.32 -3.57
C GLN A 169 3.87 -22.85 -2.61
N PHE A 170 2.64 -22.77 -3.11
CA PHE A 170 1.55 -22.21 -2.33
C PHE A 170 0.24 -22.88 -2.75
N GLU A 171 -0.84 -22.48 -2.10
CA GLU A 171 -2.18 -22.96 -2.40
C GLU A 171 -3.00 -21.79 -2.91
N HIS A 172 -3.56 -21.94 -4.11
CA HIS A 172 -4.32 -20.88 -4.75
C HIS A 172 -5.64 -21.44 -5.27
N ARG A 173 -6.69 -20.63 -5.18
CA ARG A 173 -8.00 -21.00 -5.68
C ARG A 173 -8.54 -19.85 -6.53
N PRO A 174 -9.05 -20.13 -7.73
CA PRO A 174 -9.63 -19.05 -8.56
C PRO A 174 -10.79 -18.34 -7.90
N SER A 175 -11.59 -19.05 -7.11
CA SER A 175 -12.73 -18.46 -6.43
C SER A 175 -13.08 -19.31 -5.23
N ARG A 176 -14.02 -18.80 -4.42
CA ARG A 176 -14.44 -19.53 -3.22
C ARG A 176 -15.17 -20.82 -3.59
N SER A 177 -15.95 -20.78 -4.67
CA SER A 177 -16.68 -21.99 -5.10
C SER A 177 -15.72 -23.09 -5.51
N ALA A 178 -14.63 -22.73 -6.19
CA ALA A 178 -13.67 -23.72 -6.67
C ALA A 178 -12.89 -24.31 -5.50
N ASP A 179 -11.98 -25.22 -5.83
CA ASP A 179 -11.18 -25.93 -4.84
C ASP A 179 -9.74 -25.43 -4.85
N TYR A 180 -9.08 -25.56 -3.71
CA TYR A 180 -7.68 -25.17 -3.61
C TYR A 180 -6.81 -26.03 -4.52
N THR A 181 -5.79 -25.43 -5.11
CA THR A 181 -4.85 -26.11 -5.97
C THR A 181 -3.43 -25.71 -5.56
N THR A 182 -2.55 -26.70 -5.46
CA THR A 182 -1.15 -26.44 -5.11
C THR A 182 -0.40 -26.00 -6.36
N ARG A 183 0.21 -24.82 -6.31
CA ARG A 183 0.93 -24.24 -7.42
C ARG A 183 2.37 -23.97 -7.01
N THR A 184 3.32 -24.43 -7.82
CA THR A 184 4.74 -24.20 -7.61
C THR A 184 5.28 -23.43 -8.80
N VAL A 185 5.67 -22.18 -8.58
CA VAL A 185 6.11 -21.30 -9.66
C VAL A 185 7.41 -20.61 -9.28
N GLU A 186 8.15 -20.19 -10.29
CA GLU A 186 9.31 -19.34 -10.10
C GLU A 186 8.90 -17.88 -10.24
N PRO A 187 8.97 -17.09 -9.17
CA PRO A 187 8.55 -15.68 -9.27
C PRO A 187 9.56 -14.84 -10.03
N TRP A 188 9.06 -13.75 -10.60
CA TRP A 188 9.90 -12.75 -11.25
C TRP A 188 9.82 -11.38 -10.60
N GLY A 189 8.71 -11.06 -9.94
CA GLY A 189 8.57 -9.77 -9.29
C GLY A 189 7.14 -9.58 -8.84
N VAL A 190 6.90 -8.42 -8.23
CA VAL A 190 5.58 -8.02 -7.76
C VAL A 190 5.22 -6.71 -8.43
N VAL A 191 4.03 -6.65 -9.02
CA VAL A 191 3.55 -5.46 -9.71
C VAL A 191 2.17 -5.10 -9.16
N THR A 192 1.98 -3.83 -8.84
CA THR A 192 0.72 -3.33 -8.32
C THR A 192 -0.04 -2.59 -9.41
N HIS A 193 -1.36 -2.70 -9.38
CA HIS A 193 -2.22 -2.05 -10.36
C HIS A 193 -3.55 -1.72 -9.70
N ARG A 194 -3.94 -0.44 -9.74
CA ARG A 194 -5.16 0.04 -9.09
C ARG A 194 -5.17 -0.34 -7.61
N GLY A 195 -4.00 -0.25 -6.97
CA GLY A 195 -3.91 -0.60 -5.57
C GLY A 195 -4.05 -2.08 -5.28
N ARG A 196 -3.86 -2.93 -6.28
CA ARG A 196 -3.98 -4.38 -6.12
C ARG A 196 -2.66 -5.03 -6.52
N TRP A 197 -2.12 -5.87 -5.65
CA TRP A 197 -0.91 -6.59 -5.96
C TRP A 197 -1.18 -7.71 -6.94
N TYR A 198 -0.16 -8.07 -7.74
CA TYR A 198 -0.27 -9.16 -8.71
C TYR A 198 1.11 -9.78 -8.85
N LEU A 199 1.30 -10.95 -8.24
CA LEU A 199 2.56 -11.67 -8.37
C LEU A 199 2.72 -12.20 -9.78
N VAL A 200 3.87 -11.94 -10.38
CA VAL A 200 4.19 -12.40 -11.73
C VAL A 200 5.18 -13.56 -11.60
N GLY A 201 4.89 -14.67 -12.29
CA GLY A 201 5.78 -15.80 -12.20
C GLY A 201 5.63 -16.71 -13.39
N HIS A 202 6.47 -17.75 -13.43
CA HIS A 202 6.41 -18.79 -14.44
C HIS A 202 6.11 -20.11 -13.74
N ASP A 203 5.00 -20.73 -14.12
CA ASP A 203 4.59 -21.96 -13.45
C ASP A 203 5.47 -23.13 -13.87
N ARG A 204 5.79 -23.99 -12.90
CA ARG A 204 6.53 -25.22 -13.17
C ARG A 204 5.62 -26.40 -13.44
N ASP A 205 4.29 -26.20 -13.39
CA ASP A 205 3.33 -27.24 -13.72
C ASP A 205 2.56 -26.95 -15.01
N ARG A 206 2.58 -25.72 -15.49
CA ARG A 206 1.94 -25.37 -16.76
C ARG A 206 2.87 -24.67 -17.75
N GLU A 207 4.01 -24.15 -17.30
CA GLU A 207 5.01 -23.52 -18.16
C GLU A 207 4.42 -22.34 -18.93
N ASP A 208 3.98 -21.33 -18.17
CA ASP A 208 3.44 -20.11 -18.74
C ASP A 208 3.64 -18.97 -17.75
N THR A 209 3.62 -17.74 -18.26
CA THR A 209 3.74 -16.56 -17.44
C THR A 209 2.36 -16.21 -16.88
N ARG A 210 2.22 -16.27 -15.56
CA ARG A 210 0.95 -16.06 -14.91
C ARG A 210 1.05 -14.96 -13.85
N THR A 211 -0.05 -14.23 -13.71
CA THR A 211 -0.20 -13.22 -12.67
C THR A 211 -1.27 -13.67 -11.69
N PHE A 212 -0.91 -13.73 -10.42
CA PHE A 212 -1.79 -14.21 -9.35
C PHE A 212 -2.13 -13.05 -8.42
N ARG A 213 -3.42 -12.85 -8.17
CA ARG A 213 -3.86 -11.84 -7.23
C ARG A 213 -3.57 -12.32 -5.81
N LEU A 214 -2.84 -11.49 -5.04
CA LEU A 214 -2.37 -11.92 -3.73
C LEU A 214 -3.51 -12.12 -2.73
N SER A 215 -4.69 -11.58 -3.00
CA SER A 215 -5.83 -11.80 -2.10
C SER A 215 -6.25 -13.26 -2.11
N ARG A 216 -6.23 -13.90 -3.28
CA ARG A 216 -6.67 -15.30 -3.36
C ARG A 216 -5.72 -16.23 -2.62
N ILE A 217 -4.41 -16.00 -2.74
CA ILE A 217 -3.43 -16.91 -2.18
C ILE A 217 -3.44 -16.84 -0.66
N SER A 218 -3.39 -18.01 -0.03
CA SER A 218 -3.33 -18.09 1.43
C SER A 218 -1.93 -17.78 1.93
N ALA A 219 -1.74 -17.82 3.25
CA ALA A 219 -0.49 -17.42 3.86
C ALA A 219 0.64 -18.43 3.65
N ALA A 220 0.34 -19.62 3.12
CA ALA A 220 1.35 -20.67 2.97
C ALA A 220 2.11 -20.47 1.66
N ALA A 221 2.97 -19.44 1.67
CA ALA A 221 3.86 -19.17 0.55
C ALA A 221 5.24 -19.75 0.87
N ARG A 222 5.34 -21.06 0.75
CA ARG A 222 6.56 -21.76 1.17
C ARG A 222 7.67 -21.57 0.14
N PRO A 223 8.86 -21.13 0.56
CA PRO A 223 9.97 -20.99 -0.39
C PRO A 223 10.79 -22.27 -0.52
N ILE A 224 10.99 -22.73 -1.75
CA ILE A 224 11.77 -23.94 -2.03
C ILE A 224 12.74 -23.65 -3.16
N GLY A 225 13.75 -24.50 -3.26
CA GLY A 225 14.74 -24.39 -4.31
C GLY A 225 16.02 -23.72 -3.84
N PRO A 226 17.13 -24.03 -4.49
CA PRO A 226 18.41 -23.43 -4.10
C PRO A 226 18.46 -21.95 -4.43
N ALA A 227 19.24 -21.21 -3.64
CA ALA A 227 19.41 -19.79 -3.88
C ALA A 227 20.17 -19.55 -5.18
N GLY A 228 19.75 -18.51 -5.91
CA GLY A 228 20.37 -18.19 -7.17
C GLY A 228 19.93 -19.01 -8.35
N ALA A 229 18.95 -19.90 -8.18
CA ALA A 229 18.47 -20.74 -9.26
C ALA A 229 17.42 -20.06 -10.12
N VAL A 230 17.01 -18.84 -9.79
CA VAL A 230 16.00 -18.11 -10.53
C VAL A 230 16.69 -17.01 -11.32
N GLN A 231 16.61 -17.09 -12.65
CA GLN A 231 17.22 -16.11 -13.55
C GLN A 231 16.15 -15.64 -14.53
N LYS A 232 15.40 -14.62 -14.15
CA LYS A 232 14.36 -14.10 -15.02
C LYS A 232 15.00 -13.31 -16.17
N PRO A 233 14.40 -13.36 -17.36
CA PRO A 233 14.90 -12.53 -18.46
C PRO A 233 14.76 -11.05 -18.14
N GLN A 234 15.75 -10.27 -18.54
CA GLN A 234 15.74 -8.84 -18.27
C GLN A 234 14.80 -8.09 -19.22
N ASP A 235 14.70 -8.56 -20.47
CA ASP A 235 13.87 -7.87 -21.47
C ASP A 235 12.38 -7.98 -21.19
N VAL A 236 11.96 -8.85 -20.28
CA VAL A 236 10.54 -9.01 -19.99
C VAL A 236 10.06 -7.83 -19.17
N ASN A 237 8.98 -7.19 -19.63
CA ASN A 237 8.37 -6.06 -18.93
C ASN A 237 7.16 -6.57 -18.16
N LEU A 238 7.28 -6.60 -16.83
CA LEU A 238 6.20 -7.15 -16.00
C LEU A 238 4.95 -6.29 -16.07
N ARG A 239 5.12 -4.96 -16.09
CA ARG A 239 3.96 -4.07 -16.07
C ARG A 239 3.11 -4.23 -17.32
N ASP A 240 3.74 -4.42 -18.47
CA ASP A 240 2.98 -4.63 -19.71
C ASP A 240 2.17 -5.92 -19.63
N ILE A 241 2.77 -6.99 -19.10
CA ILE A 241 2.06 -8.26 -18.95
C ILE A 241 0.88 -8.10 -17.99
N VAL A 242 1.09 -7.36 -16.89
CA VAL A 242 0.01 -7.12 -15.95
C VAL A 242 -1.12 -6.35 -16.62
N ARG A 243 -0.78 -5.32 -17.39
CA ARG A 243 -1.80 -4.55 -18.09
C ARG A 243 -2.58 -5.41 -19.08
N ARG A 244 -1.87 -6.28 -19.81
CA ARG A 244 -2.55 -7.19 -20.73
C ARG A 244 -3.47 -8.14 -19.99
N ALA A 245 -3.03 -8.65 -18.84
CA ALA A 245 -3.84 -9.60 -18.08
C ALA A 245 -5.05 -8.93 -17.43
N VAL A 246 -4.96 -7.64 -17.13
CA VAL A 246 -6.08 -6.95 -16.49
C VAL A 246 -7.29 -6.92 -17.42
N ALA A 247 -7.07 -6.59 -18.69
CA ALA A 247 -8.15 -6.50 -19.65
C ALA A 247 -7.67 -6.99 -21.02
N GLU A 248 -8.44 -7.88 -21.63
CA GLU A 248 -8.14 -8.41 -22.95
C GLU A 248 -9.06 -7.85 -24.03
N GLN A 249 -10.36 -7.82 -23.77
CA GLN A 249 -11.30 -7.29 -24.75
C GLN A 249 -11.22 -5.77 -24.79
N PRO A 250 -10.81 -5.16 -25.91
CA PRO A 250 -10.64 -3.70 -25.93
C PRO A 250 -11.95 -2.92 -25.78
N THR A 251 -12.90 -3.15 -26.70
CA THR A 251 -14.16 -2.44 -26.68
C THR A 251 -15.35 -3.29 -27.04
N GLY A 252 -15.18 -4.59 -27.28
CA GLY A 252 -16.27 -5.43 -27.74
C GLY A 252 -16.86 -4.94 -29.03
N GLU A 253 -18.07 -4.37 -28.95
CA GLU A 253 -18.73 -3.74 -30.08
C GLU A 253 -19.22 -2.35 -29.69
N ARG A 254 -19.98 -1.71 -30.57
CA ARG A 254 -20.64 -0.44 -30.28
C ARG A 254 -22.13 -0.70 -30.13
N ALA A 255 -22.68 -0.32 -28.99
CA ALA A 255 -24.08 -0.59 -28.67
C ALA A 255 -24.84 0.71 -28.44
N ARG A 256 -26.09 0.74 -28.88
CA ARG A 256 -26.96 1.90 -28.75
C ARG A 256 -27.97 1.60 -27.64
N ILE A 257 -27.93 2.40 -26.57
CA ILE A 257 -28.75 2.20 -25.39
C ILE A 257 -29.43 3.52 -25.06
N TRP A 258 -30.73 3.49 -24.80
CA TRP A 258 -31.46 4.69 -24.42
C TRP A 258 -31.56 4.79 -22.90
N ILE A 259 -31.25 5.98 -22.38
CA ILE A 259 -31.31 6.24 -20.94
C ILE A 259 -32.09 7.52 -20.71
N ALA A 260 -32.99 7.49 -19.73
CA ALA A 260 -33.76 8.67 -19.39
C ALA A 260 -32.87 9.74 -18.81
N GLY A 261 -33.18 11.00 -19.11
CA GLY A 261 -32.37 12.11 -18.64
C GLY A 261 -32.45 12.28 -17.13
N GLY A 262 -31.36 12.79 -16.57
CA GLY A 262 -31.28 13.05 -15.14
C GLY A 262 -30.86 11.88 -14.29
N ARG A 263 -30.70 10.69 -14.87
CA ARG A 263 -30.30 9.51 -14.12
C ARG A 263 -29.19 8.77 -14.86
N ALA A 264 -28.80 7.61 -14.33
CA ALA A 264 -27.74 6.77 -14.92
C ALA A 264 -26.46 7.57 -15.11
N THR A 265 -26.10 8.34 -14.08
CA THR A 265 -24.92 9.19 -14.16
C THR A 265 -23.65 8.37 -14.37
N ALA A 266 -23.57 7.21 -13.69
CA ALA A 266 -22.43 6.32 -13.91
C ALA A 266 -22.37 5.85 -15.37
N LEU A 267 -23.54 5.53 -15.94
CA LEU A 267 -23.57 5.17 -17.36
C LEU A 267 -23.39 6.40 -18.24
N ARG A 268 -23.83 7.57 -17.77
CA ARG A 268 -23.62 8.79 -18.53
C ARG A 268 -22.14 9.10 -18.71
N ARG A 269 -21.35 8.89 -17.65
CA ARG A 269 -19.91 9.11 -17.76
C ARG A 269 -19.27 8.15 -18.76
N GLN A 270 -19.84 6.95 -18.93
CA GLN A 270 -19.31 5.97 -19.86
C GLN A 270 -19.77 6.18 -21.29
N ALA A 271 -20.64 7.17 -21.54
CA ALA A 271 -21.17 7.39 -22.88
C ALA A 271 -20.07 7.85 -23.83
N VAL A 272 -20.06 7.27 -25.02
CA VAL A 272 -19.12 7.69 -26.07
C VAL A 272 -19.73 8.76 -26.96
N THR A 273 -20.89 8.46 -27.56
CA THR A 273 -21.64 9.46 -28.32
C THR A 273 -23.09 9.44 -27.85
N SER A 274 -23.76 10.59 -27.94
CA SER A 274 -25.10 10.74 -27.41
C SER A 274 -25.98 11.50 -28.41
N THR A 275 -27.29 11.25 -28.32
CA THR A 275 -28.27 11.96 -29.12
C THR A 275 -29.62 12.00 -28.40
N PRO A 276 -30.20 13.18 -28.19
CA PRO A 276 -31.48 13.24 -27.48
C PRO A 276 -32.61 12.57 -28.26
N ARG A 277 -33.57 12.04 -27.51
CA ARG A 277 -34.73 11.37 -28.10
C ARG A 277 -35.76 11.14 -27.00
N THR A 278 -37.03 11.16 -27.38
CA THR A 278 -38.14 10.89 -26.47
C THR A 278 -38.90 9.66 -26.98
N ILE A 279 -39.00 8.64 -26.13
CA ILE A 279 -39.68 7.40 -26.47
C ILE A 279 -40.69 7.08 -25.38
N GLY A 280 -41.89 6.69 -25.79
CA GLY A 280 -42.91 6.24 -24.85
C GLY A 280 -43.29 7.28 -23.81
N GLY A 281 -43.33 8.55 -24.19
CA GLY A 281 -43.64 9.59 -23.24
C GLY A 281 -42.53 9.91 -22.27
N ARG A 282 -41.34 9.35 -22.46
CA ARG A 282 -40.20 9.60 -21.59
C ARG A 282 -39.04 10.12 -22.42
N ALA A 283 -38.51 11.28 -22.03
CA ALA A 283 -37.38 11.86 -22.74
C ALA A 283 -36.08 11.29 -22.22
N GLY A 284 -35.02 11.48 -23.00
CA GLY A 284 -33.70 11.02 -22.59
C GLY A 284 -32.74 11.10 -23.75
N GLU A 285 -31.67 10.31 -23.67
CA GLU A 285 -30.64 10.29 -24.70
C GLU A 285 -30.32 8.85 -25.07
N GLU A 286 -30.21 8.60 -26.37
CA GLU A 286 -29.67 7.34 -26.87
C GLU A 286 -28.17 7.50 -27.08
N ILE A 287 -27.39 6.63 -26.46
CA ILE A 287 -25.94 6.72 -26.49
C ILE A 287 -25.38 5.49 -27.19
N THR A 288 -24.42 5.73 -28.08
CA THR A 288 -23.59 4.68 -28.66
C THR A 288 -22.32 4.60 -27.85
N VAL A 289 -22.07 3.41 -27.29
CA VAL A 289 -21.00 3.18 -26.33
C VAL A 289 -20.29 1.87 -26.69
N ASP A 290 -19.33 1.48 -25.85
CA ASP A 290 -18.58 0.26 -26.03
C ASP A 290 -19.32 -0.93 -25.40
N ILE A 291 -18.69 -2.10 -25.46
CA ILE A 291 -19.24 -3.32 -24.88
C ILE A 291 -18.36 -3.84 -23.75
N GLY A 292 -17.10 -4.17 -24.05
CA GLY A 292 -16.23 -4.74 -23.05
C GLY A 292 -16.76 -6.08 -22.57
N THR A 293 -16.87 -6.23 -21.26
CA THR A 293 -17.44 -7.45 -20.69
C THR A 293 -18.94 -7.44 -20.87
N TRP A 294 -19.47 -8.47 -21.53
CA TRP A 294 -20.90 -8.53 -21.82
C TRP A 294 -21.72 -8.62 -20.53
N ASP A 295 -21.29 -9.46 -19.60
CA ASP A 295 -22.05 -9.66 -18.37
C ASP A 295 -22.10 -8.39 -17.54
N ARG A 296 -20.98 -7.67 -17.45
CA ARG A 296 -20.95 -6.44 -16.67
C ARG A 296 -21.90 -5.40 -17.25
N LEU A 297 -21.90 -5.23 -18.57
CA LEU A 297 -22.80 -4.28 -19.20
C LEU A 297 -24.25 -4.70 -19.04
N ALA A 298 -24.53 -6.00 -19.15
CA ALA A 298 -25.89 -6.48 -18.94
C ALA A 298 -26.36 -6.20 -17.52
N ARG A 299 -25.49 -6.42 -16.53
CA ARG A 299 -25.85 -6.11 -15.15
C ARG A 299 -26.10 -4.62 -14.97
N GLU A 300 -25.24 -3.78 -15.57
CA GLU A 300 -25.40 -2.34 -15.44
C GLU A 300 -26.72 -1.87 -16.05
N ILE A 301 -27.08 -2.43 -17.21
CA ILE A 301 -28.34 -2.06 -17.85
C ILE A 301 -29.53 -2.53 -17.01
N ALA A 302 -29.48 -3.78 -16.53
CA ALA A 302 -30.60 -4.33 -15.78
C ALA A 302 -30.77 -3.68 -14.41
N SER A 303 -29.70 -3.11 -13.85
CA SER A 303 -29.81 -2.47 -12.54
C SER A 303 -30.77 -1.29 -12.57
N TYR A 304 -30.68 -0.45 -13.60
CA TYR A 304 -31.49 0.76 -13.65
C TYR A 304 -32.93 0.50 -14.07
N GLY A 305 -33.25 -0.69 -14.55
CA GLY A 305 -34.63 -1.02 -14.88
C GLY A 305 -35.15 -0.14 -16.01
N SER A 306 -36.32 0.47 -15.76
CA SER A 306 -36.98 1.28 -16.78
C SER A 306 -36.17 2.53 -17.11
N ASP A 307 -35.23 2.94 -16.26
CA ASP A 307 -34.44 4.13 -16.52
C ASP A 307 -33.60 3.97 -17.78
N ALA A 308 -33.01 2.79 -17.98
CA ALA A 308 -32.16 2.50 -19.12
C ALA A 308 -32.84 1.47 -20.01
N VAL A 309 -32.96 1.78 -21.29
CA VAL A 309 -33.59 0.90 -22.27
C VAL A 309 -32.55 0.58 -23.35
N ALA A 310 -32.28 -0.71 -23.54
CA ALA A 310 -31.35 -1.12 -24.57
C ALA A 310 -32.05 -1.17 -25.93
N LEU A 311 -31.35 -0.71 -26.96
CA LEU A 311 -31.89 -0.71 -28.32
C LEU A 311 -31.15 -1.67 -29.24
N GLU A 312 -29.84 -1.55 -29.34
CA GLU A 312 -29.01 -2.44 -30.15
C GLU A 312 -27.74 -2.77 -29.39
N PRO A 313 -27.22 -4.00 -29.55
CA PRO A 313 -27.71 -5.11 -30.40
C PRO A 313 -28.91 -5.82 -29.81
N SER A 314 -29.61 -6.60 -30.64
CA SER A 314 -30.82 -7.28 -30.16
C SER A 314 -30.51 -8.38 -29.17
N SER A 315 -29.31 -8.97 -29.24
CA SER A 315 -28.96 -10.04 -28.32
C SER A 315 -28.93 -9.55 -26.88
N LEU A 316 -28.35 -8.37 -26.64
CA LEU A 316 -28.31 -7.81 -25.30
C LEU A 316 -29.71 -7.50 -24.79
N ARG A 317 -30.56 -6.97 -25.67
CA ARG A 317 -31.95 -6.71 -25.29
C ARG A 317 -32.66 -8.01 -24.91
N ASP A 318 -32.44 -9.08 -25.68
CA ASP A 318 -33.05 -10.36 -25.36
C ASP A 318 -32.56 -10.89 -24.02
N ASP A 319 -31.25 -10.74 -23.75
CA ASP A 319 -30.71 -11.19 -22.47
C ASP A 319 -31.33 -10.41 -21.32
N VAL A 320 -31.44 -9.09 -21.47
CA VAL A 320 -32.03 -8.26 -20.42
C VAL A 320 -33.49 -8.64 -20.19
N VAL A 321 -34.23 -8.86 -21.29
CA VAL A 321 -35.65 -9.25 -21.16
C VAL A 321 -35.78 -10.59 -20.46
N GLU A 322 -34.91 -11.55 -20.81
CA GLU A 322 -34.95 -12.85 -20.16
C GLU A 322 -34.67 -12.74 -18.67
N ARG A 323 -33.66 -11.94 -18.29
CA ARG A 323 -33.34 -11.76 -16.88
C ARG A 323 -34.50 -11.08 -16.14
N LEU A 324 -35.11 -10.07 -16.76
CA LEU A 324 -36.24 -9.39 -16.12
C LEU A 324 -37.43 -10.31 -15.96
N ARG A 325 -37.70 -11.16 -16.97
CA ARG A 325 -38.79 -12.13 -16.85
C ARG A 325 -38.50 -13.14 -15.74
N ALA A 326 -37.24 -13.58 -15.63
CA ALA A 326 -36.86 -14.48 -14.55
C ALA A 326 -37.09 -13.83 -13.20
N HIS A 327 -36.74 -12.55 -13.06
CA HIS A 327 -37.01 -11.84 -11.82
C HIS A 327 -38.51 -11.73 -11.56
N ALA A 328 -39.29 -11.43 -12.60
CA ALA A 328 -40.73 -11.22 -12.47
C ALA A 328 -41.51 -12.52 -12.33
N ALA A 329 -40.87 -13.67 -12.49
CA ALA A 329 -41.55 -14.95 -12.30
C ALA A 329 -42.05 -15.15 -10.88
N GLY A 330 -41.56 -14.37 -9.93
CA GLY A 330 -41.98 -14.48 -8.54
C GLY A 330 -40.99 -15.17 -7.62
N GLY A 331 -39.79 -15.47 -8.10
CA GLY A 331 -38.80 -16.14 -7.28
C GLY A 331 -38.96 -17.64 -7.19
N GLU A 332 -39.96 -18.22 -7.84
CA GLU A 332 -40.15 -19.66 -7.80
C GLU A 332 -38.98 -20.40 -8.42
N ARG A 333 -38.47 -19.89 -9.54
CA ARG A 333 -37.35 -20.52 -10.22
C ARG A 333 -36.03 -19.83 -9.85
N SER B 2 18.44 -9.60 16.14
CA SER B 2 17.58 -9.45 17.31
C SER B 2 17.51 -8.00 17.76
N GLN B 3 17.11 -7.80 19.02
CA GLN B 3 17.05 -6.45 19.57
C GLN B 3 18.44 -5.83 19.65
N VAL B 4 19.44 -6.63 19.98
CA VAL B 4 20.81 -6.13 20.07
C VAL B 4 21.28 -5.62 18.72
N SER B 5 20.90 -6.31 17.63
CA SER B 5 21.32 -5.88 16.30
C SER B 5 20.74 -4.51 15.97
N THR B 6 19.44 -4.31 16.19
CA THR B 6 18.82 -3.02 15.90
C THR B 6 19.40 -1.94 16.79
N ARG B 7 19.65 -2.25 18.06
CA ARG B 7 20.25 -1.27 18.96
C ARG B 7 21.63 -0.86 18.48
N LEU B 8 22.43 -1.83 18.02
CA LEU B 8 23.76 -1.51 17.50
C LEU B 8 23.67 -0.64 16.26
N VAL B 9 22.73 -0.96 15.36
CA VAL B 9 22.57 -0.15 14.15
C VAL B 9 22.20 1.28 14.51
N ARG B 10 21.26 1.44 15.45
CA ARG B 10 20.85 2.78 15.85
C ARG B 10 21.99 3.55 16.50
N LEU B 11 22.74 2.88 17.39
CA LEU B 11 23.84 3.54 18.07
C LEU B 11 24.98 3.89 17.11
N LEU B 12 25.16 3.11 16.04
CA LEU B 12 26.16 3.46 15.04
C LEU B 12 25.69 4.59 14.14
N ASN B 13 24.39 4.67 13.84
CA ASN B 13 23.88 5.72 12.98
C ASN B 13 23.57 7.02 13.73
N MET B 14 23.63 7.01 15.06
CA MET B 14 23.40 8.26 15.80
C MET B 14 24.42 9.33 15.45
N VAL B 15 25.68 8.95 15.30
CA VAL B 15 26.75 9.94 15.10
C VAL B 15 26.53 10.79 13.85
N PRO B 16 26.28 10.21 12.66
CA PRO B 16 26.01 11.08 11.50
C PRO B 16 24.78 11.95 11.67
N TYR B 17 23.77 11.47 12.39
CA TYR B 17 22.58 12.27 12.64
C TYR B 17 22.92 13.53 13.43
N PHE B 18 23.76 13.39 14.46
CA PHE B 18 24.21 14.56 15.21
C PHE B 18 25.15 15.43 14.40
N GLN B 19 25.96 14.82 13.52
CA GLN B 19 26.86 15.61 12.70
C GLN B 19 26.09 16.47 11.70
N ALA B 20 24.97 15.97 11.19
CA ALA B 20 24.19 16.73 10.22
C ALA B 20 23.49 17.92 10.87
N ASN B 21 22.92 17.72 12.06
CA ASN B 21 22.21 18.79 12.77
C ASN B 21 23.09 19.28 13.92
N PRO B 22 23.63 20.51 13.83
CA PRO B 22 24.67 20.91 14.79
C PRO B 22 24.21 21.01 16.23
N LYS B 23 23.00 21.50 16.47
CA LYS B 23 22.56 21.80 17.84
C LYS B 23 21.15 21.26 18.07
N VAL B 24 20.91 20.00 17.70
CA VAL B 24 19.63 19.37 17.95
C VAL B 24 19.44 19.17 19.45
N THR B 25 18.23 19.45 19.92
CA THR B 25 17.91 19.37 21.34
C THR B 25 17.54 17.93 21.71
N ARG B 26 17.17 17.73 22.98
CA ARG B 26 16.81 16.39 23.44
C ARG B 26 15.46 15.96 22.86
N ALA B 27 14.47 16.86 22.89
CA ALA B 27 13.13 16.49 22.45
C ALA B 27 13.10 16.16 20.96
N GLU B 28 13.80 16.96 20.14
CA GLU B 28 13.85 16.68 18.71
C GLU B 28 14.51 15.33 18.43
N ALA B 29 15.60 15.03 19.13
CA ALA B 29 16.26 13.75 18.94
C ALA B 29 15.36 12.59 19.36
N ALA B 30 14.65 12.75 20.48
CA ALA B 30 13.75 11.70 20.93
C ALA B 30 12.62 11.46 19.93
N ALA B 31 12.07 12.54 19.39
CA ALA B 31 11.02 12.40 18.38
C ALA B 31 11.55 11.75 17.12
N ALA B 32 12.77 12.12 16.70
CA ALA B 32 13.33 11.58 15.47
C ALA B 32 13.65 10.10 15.59
N LEU B 33 14.27 9.69 16.69
CA LEU B 33 14.65 8.30 16.87
C LEU B 33 13.56 7.45 17.51
N GLY B 34 12.46 8.06 17.96
CA GLY B 34 11.35 7.32 18.53
C GLY B 34 11.69 6.52 19.76
N VAL B 35 12.43 7.12 20.70
CA VAL B 35 12.83 6.46 21.92
C VAL B 35 12.51 7.36 23.10
N THR B 36 12.41 6.75 24.28
CA THR B 36 12.12 7.50 25.50
C THR B 36 13.34 8.30 25.93
N GLY B 37 13.12 9.20 26.90
CA GLY B 37 14.22 10.03 27.37
C GLY B 37 15.33 9.24 28.04
N LYS B 38 14.94 8.32 28.93
CA LYS B 38 15.95 7.53 29.63
C LYS B 38 16.73 6.64 28.67
N GLN B 39 16.03 6.02 27.71
CA GLN B 39 16.72 5.19 26.73
C GLN B 39 17.69 6.03 25.90
N LEU B 40 17.27 7.22 25.48
CA LEU B 40 18.15 8.09 24.71
C LEU B 40 19.37 8.49 25.52
N ASP B 41 19.17 8.84 26.79
CA ASP B 41 20.30 9.23 27.64
C ASP B 41 21.26 8.07 27.84
N ALA B 42 20.74 6.87 28.08
CA ALA B 42 21.60 5.71 28.27
C ALA B 42 22.38 5.39 27.00
N ASP B 43 21.73 5.44 25.85
CA ASP B 43 22.42 5.18 24.59
C ASP B 43 23.50 6.22 24.33
N LEU B 44 23.20 7.50 24.61
CA LEU B 44 24.19 8.55 24.42
C LEU B 44 25.38 8.34 25.34
N ASP B 45 25.13 8.01 26.60
CA ASP B 45 26.22 7.79 27.55
C ASP B 45 27.07 6.58 27.14
N GLN B 46 26.42 5.51 26.66
CA GLN B 46 27.17 4.35 26.20
C GLN B 46 28.01 4.67 24.98
N LEU B 47 27.48 5.48 24.06
CA LEU B 47 28.26 5.88 22.90
C LEU B 47 29.40 6.83 23.30
N TRP B 48 29.25 7.54 24.42
CA TRP B 48 30.28 8.49 24.84
C TRP B 48 31.59 7.78 25.15
N MET B 49 31.53 6.62 25.79
CA MET B 49 32.71 5.91 26.29
C MET B 49 33.18 4.80 25.36
N CYS B 50 33.07 5.00 24.05
CA CYS B 50 33.51 4.00 23.09
C CYS B 50 34.02 4.69 21.84
N GLY B 51 35.15 4.22 21.31
CA GLY B 51 35.71 4.83 20.12
C GLY B 51 36.92 4.13 19.54
N LEU B 52 37.88 4.91 19.07
CA LEU B 52 39.05 4.35 18.41
C LEU B 52 39.92 3.60 19.42
N PRO B 53 40.59 2.51 19.00
CA PRO B 53 41.46 1.78 19.93
C PRO B 53 42.61 2.63 20.42
N GLY B 54 43.00 2.38 21.67
CA GLY B 54 44.02 3.18 22.33
C GLY B 54 43.45 3.83 23.57
N TYR B 55 42.20 4.29 23.46
CA TYR B 55 41.40 4.71 24.60
C TYR B 55 42.06 5.86 25.36
N SER B 56 42.74 6.73 24.62
CA SER B 56 43.15 8.00 25.18
C SER B 56 41.98 8.98 25.16
N PRO B 57 41.93 9.92 26.10
CA PRO B 57 40.82 10.88 26.10
C PRO B 57 40.72 11.69 24.82
N GLY B 58 41.83 11.89 24.11
CA GLY B 58 41.81 12.50 22.80
C GLY B 58 41.65 11.53 21.66
N ASP B 59 41.41 10.25 21.94
CA ASP B 59 41.28 9.23 20.91
C ASP B 59 39.89 8.62 20.81
N LEU B 60 39.00 8.86 21.76
CA LEU B 60 37.63 8.36 21.70
C LEU B 60 36.68 9.52 21.40
N ILE B 61 35.46 9.15 21.03
CA ILE B 61 34.46 10.14 20.64
C ILE B 61 34.00 10.90 21.89
N ASP B 62 34.08 12.23 21.83
CA ASP B 62 33.70 13.08 22.95
C ASP B 62 32.72 14.15 22.47
N PHE B 63 31.73 14.43 23.30
CA PHE B 63 30.68 15.38 22.96
C PHE B 63 31.00 16.76 23.56
N ASP B 64 30.03 17.66 23.49
CA ASP B 64 30.16 19.00 24.10
C ASP B 64 28.77 19.45 24.51
N PHE B 65 28.39 19.16 25.76
CA PHE B 65 27.06 19.43 26.26
C PHE B 65 26.95 20.92 26.61
N VAL B 66 26.15 21.66 25.85
CA VAL B 66 25.86 23.05 26.13
C VAL B 66 24.40 23.11 26.59
N GLY B 67 24.19 23.19 27.90
CA GLY B 67 22.85 23.15 28.44
C GLY B 67 22.15 21.83 28.13
N ASP B 68 21.16 21.88 27.26
CA ASP B 68 20.42 20.70 26.81
C ASP B 68 20.56 20.51 25.30
N THR B 69 21.78 20.71 24.78
CA THR B 69 22.04 20.59 23.37
C THR B 69 23.19 19.61 23.14
N ILE B 70 23.18 18.97 21.97
CA ILE B 70 24.12 17.91 21.63
C ILE B 70 24.88 18.33 20.39
N GLU B 71 26.21 18.22 20.43
CA GLU B 71 27.07 18.51 19.30
C GLU B 71 28.28 17.59 19.33
N VAL B 72 28.79 17.27 18.15
CA VAL B 72 29.91 16.34 17.99
C VAL B 72 31.17 17.14 17.73
N THR B 73 32.24 16.82 18.46
CA THR B 73 33.53 17.47 18.29
C THR B 73 34.58 16.56 17.69
N PHE B 74 34.42 15.25 17.77
CA PHE B 74 35.38 14.31 17.20
C PHE B 74 34.63 13.01 16.90
N SER B 75 34.34 12.78 15.63
CA SER B 75 33.56 11.61 15.22
C SER B 75 34.39 10.34 15.10
N ALA B 76 35.73 10.45 15.12
CA ALA B 76 36.63 9.30 15.05
C ALA B 76 36.37 8.44 13.82
N GLY B 77 36.05 9.08 12.70
CA GLY B 77 35.84 8.40 11.45
C GLY B 77 34.40 8.09 11.12
N VAL B 78 33.48 8.24 12.06
CA VAL B 78 32.07 7.98 11.81
C VAL B 78 31.48 9.21 11.13
N ASP B 79 31.50 9.22 9.79
CA ASP B 79 31.04 10.37 9.03
C ASP B 79 29.78 10.11 8.21
N HIS B 80 29.48 8.85 7.90
CA HIS B 80 28.34 8.54 7.06
C HIS B 80 27.49 7.45 7.68
N PRO B 81 26.19 7.44 7.41
CA PRO B 81 25.33 6.39 7.96
C PRO B 81 25.54 5.05 7.27
N LEU B 82 25.09 4.00 7.94
CA LEU B 82 25.20 2.66 7.40
C LEU B 82 24.31 2.50 6.17
N ARG B 83 24.70 1.61 5.28
CA ARG B 83 23.97 1.38 4.04
C ARG B 83 22.60 0.78 4.34
N LEU B 84 21.81 0.61 3.28
CA LEU B 84 20.46 0.06 3.39
C LEU B 84 20.48 -1.40 2.96
N THR B 85 19.97 -2.28 3.81
CA THR B 85 19.86 -3.68 3.46
C THR B 85 18.75 -3.88 2.44
N SER B 86 18.73 -5.08 1.83
CA SER B 86 17.77 -5.36 0.78
C SER B 86 16.34 -5.30 1.28
N THR B 87 16.09 -5.84 2.48
CA THR B 87 14.72 -5.95 2.98
C THR B 87 14.10 -4.58 3.22
N GLU B 88 14.81 -3.71 3.93
CA GLU B 88 14.25 -2.40 4.26
C GLU B 88 14.04 -1.55 3.00
N ALA B 89 15.02 -1.55 2.10
CA ALA B 89 14.87 -0.79 0.86
C ALA B 89 13.72 -1.32 0.03
N THR B 90 13.59 -2.65 -0.05
CA THR B 90 12.47 -3.24 -0.79
C THR B 90 11.14 -2.84 -0.17
N GLY B 91 11.04 -2.87 1.16
CA GLY B 91 9.81 -2.46 1.81
C GLY B 91 9.46 -1.01 1.54
N ILE B 92 10.47 -0.12 1.61
CA ILE B 92 10.23 1.29 1.35
C ILE B 92 9.76 1.50 -0.09
N LEU B 93 10.43 0.85 -1.04
CA LEU B 93 10.04 0.99 -2.44
C LEU B 93 8.64 0.46 -2.68
N VAL B 94 8.30 -0.67 -2.05
CA VAL B 94 6.97 -1.24 -2.20
C VAL B 94 5.91 -0.30 -1.66
N ALA B 95 6.15 0.27 -0.47
CA ALA B 95 5.18 1.22 0.09
C ALA B 95 5.02 2.44 -0.80
N LEU B 96 6.14 2.98 -1.30
CA LEU B 96 6.07 4.17 -2.14
C LEU B 96 5.32 3.89 -3.43
N ARG B 97 5.58 2.75 -4.07
CA ARG B 97 4.89 2.42 -5.30
C ARG B 97 3.45 2.00 -5.08
N ALA B 98 3.11 1.60 -3.86
CA ALA B 98 1.71 1.33 -3.53
C ALA B 98 0.92 2.60 -3.28
N LEU B 99 1.55 3.63 -2.70
CA LEU B 99 0.84 4.87 -2.40
C LEU B 99 0.80 5.84 -3.58
N VAL B 100 1.51 5.58 -4.66
CA VAL B 100 1.50 6.49 -5.80
C VAL B 100 0.20 6.38 -6.60
N ASP B 101 -0.44 5.21 -6.60
CA ASP B 101 -1.67 5.01 -7.35
C ASP B 101 -2.92 5.46 -6.58
N VAL B 102 -2.83 5.59 -5.26
CA VAL B 102 -3.96 6.04 -4.47
C VAL B 102 -4.17 7.53 -4.70
N PRO B 103 -5.37 7.95 -5.11
CA PRO B 103 -5.57 9.36 -5.48
C PRO B 103 -5.66 10.28 -4.25
N GLY B 104 -4.84 11.32 -4.25
CA GLY B 104 -4.93 12.39 -3.29
C GLY B 104 -4.07 12.24 -2.05
N MET B 105 -3.59 11.03 -1.74
CA MET B 105 -2.82 10.86 -0.52
C MET B 105 -1.41 11.40 -0.65
N VAL B 106 -0.86 11.45 -1.87
CA VAL B 106 0.49 11.98 -2.08
C VAL B 106 0.60 12.41 -3.54
N ASP B 107 1.41 13.44 -3.77
CA ASP B 107 1.61 13.93 -5.13
C ASP B 107 2.39 12.91 -5.94
N PRO B 108 1.90 12.51 -7.12
CA PRO B 108 2.62 11.49 -7.92
C PRO B 108 4.02 11.93 -8.33
N GLU B 109 4.22 13.21 -8.62
CA GLU B 109 5.55 13.68 -9.00
C GLU B 109 6.55 13.49 -7.86
N ALA B 110 6.13 13.81 -6.64
CA ALA B 110 7.00 13.61 -5.49
C ALA B 110 7.34 12.14 -5.30
N ALA B 111 6.35 11.26 -5.48
CA ALA B 111 6.60 9.83 -5.34
C ALA B 111 7.58 9.34 -6.39
N ARG B 112 7.43 9.78 -7.63
CA ARG B 112 8.35 9.36 -8.68
C ARG B 112 9.76 9.88 -8.42
N SER B 113 9.88 11.14 -7.97
CA SER B 113 11.19 11.68 -7.65
C SER B 113 11.84 10.91 -6.50
N ALA B 114 11.06 10.57 -5.48
CA ALA B 114 11.58 9.79 -4.35
C ALA B 114 12.04 8.41 -4.81
N ILE B 115 11.26 7.77 -5.69
CA ILE B 115 11.63 6.45 -6.20
C ILE B 115 12.94 6.55 -6.97
N ALA B 116 13.07 7.56 -7.83
CA ALA B 116 14.29 7.72 -8.61
C ALA B 116 15.49 7.95 -7.71
N LYS B 117 15.35 8.83 -6.71
CA LYS B 117 16.47 9.14 -5.83
C LYS B 117 16.87 7.93 -5.00
N ILE B 118 15.89 7.19 -4.47
CA ILE B 118 16.22 6.01 -3.66
C ILE B 118 16.88 4.94 -4.53
N GLU B 119 16.39 4.73 -5.74
CA GLU B 119 16.99 3.75 -6.63
C GLU B 119 18.42 4.14 -6.98
N SER B 120 18.67 5.43 -7.24
CA SER B 120 20.02 5.87 -7.54
C SER B 120 20.92 5.70 -6.32
N ALA B 121 20.43 6.00 -5.12
CA ALA B 121 21.24 5.88 -3.92
C ALA B 121 21.59 4.43 -3.61
N VAL B 122 20.62 3.53 -3.73
CA VAL B 122 20.84 2.13 -3.37
C VAL B 122 21.28 1.28 -4.56
N GLY B 123 21.24 1.81 -5.78
CA GLY B 123 21.68 1.06 -6.93
C GLY B 123 20.73 -0.04 -7.38
N SER B 124 19.43 0.14 -7.17
CA SER B 124 18.46 -0.85 -7.62
C SER B 124 18.33 -0.85 -9.13
N GLN B 125 17.83 -1.96 -9.67
CA GLN B 125 17.66 -2.11 -11.11
C GLN B 125 16.23 -2.50 -11.45
N ARG B 126 15.99 -2.82 -12.74
CA ARG B 126 14.64 -3.16 -13.21
C ARG B 126 14.13 -4.48 -12.64
N ALA B 127 14.90 -5.15 -11.78
CA ALA B 127 14.48 -6.39 -11.14
C ALA B 127 13.69 -6.15 -9.85
N VAL B 128 13.18 -4.94 -9.63
CA VAL B 128 12.42 -4.63 -8.43
C VAL B 128 10.97 -4.38 -8.80
N VAL B 129 10.12 -4.16 -7.79
CA VAL B 129 8.71 -3.87 -8.02
C VAL B 129 8.57 -2.61 -8.87
N GLU B 130 7.68 -2.66 -9.86
CA GLU B 130 7.46 -1.55 -10.78
C GLU B 130 5.96 -1.31 -10.91
N GLY B 131 5.57 -0.05 -11.05
CA GLY B 131 4.20 0.30 -11.24
C GLY B 131 3.76 0.11 -12.69
N ILE B 132 2.51 0.49 -12.94
CA ILE B 132 1.92 0.36 -14.27
C ILE B 132 2.04 1.65 -15.07
N THR B 133 1.75 2.78 -14.44
CA THR B 133 1.71 4.07 -15.13
C THR B 133 2.99 4.84 -14.85
N GLU B 134 3.85 4.96 -15.87
CA GLU B 134 5.03 5.81 -15.75
C GLU B 134 4.66 7.28 -15.60
N ASP B 135 3.61 7.72 -16.29
CA ASP B 135 3.07 9.07 -16.11
C ASP B 135 1.54 8.92 -16.17
N THR B 136 0.90 9.02 -15.01
CA THR B 136 -0.54 8.76 -14.91
C THR B 136 -1.34 9.67 -15.83
N SER B 137 -1.24 10.99 -15.60
CA SER B 137 -2.05 11.99 -16.29
C SER B 137 -3.54 11.78 -16.09
N ALA B 138 -3.92 10.86 -15.20
CA ALA B 138 -5.32 10.57 -14.89
C ALA B 138 -5.87 11.50 -13.83
N GLU B 139 -5.01 12.26 -13.16
CA GLU B 139 -5.43 13.25 -12.18
C GLU B 139 -6.19 14.39 -12.87
N PRO B 140 -7.43 14.64 -12.49
CA PRO B 140 -8.18 15.74 -13.13
C PRO B 140 -7.82 17.11 -12.60
N GLY B 141 -6.91 17.20 -11.62
CA GLY B 141 -6.59 18.45 -10.97
C GLY B 141 -7.40 18.72 -9.72
N ALA B 142 -8.51 18.00 -9.52
CA ALA B 142 -9.31 18.19 -8.33
C ALA B 142 -8.57 17.69 -7.09
N ALA B 143 -7.80 16.61 -7.23
CA ALA B 143 -7.05 16.08 -6.10
C ALA B 143 -6.00 17.07 -5.60
N ALA B 144 -5.32 17.74 -6.54
CA ALA B 144 -4.33 18.75 -6.15
C ALA B 144 -5.00 19.91 -5.42
N THR B 145 -6.18 20.32 -5.90
CA THR B 145 -6.93 21.38 -5.23
C THR B 145 -7.35 20.94 -3.84
N VAL B 146 -7.75 19.67 -3.70
CA VAL B 146 -8.13 19.14 -2.39
C VAL B 146 -6.96 19.17 -1.43
N ARG B 147 -5.78 18.74 -1.90
CA ARG B 147 -4.60 18.77 -1.05
C ARG B 147 -4.22 20.18 -0.66
N THR B 148 -4.32 21.13 -1.61
CA THR B 148 -4.02 22.51 -1.31
C THR B 148 -4.99 23.08 -0.28
N ALA B 149 -6.28 22.75 -0.41
CA ALA B 149 -7.27 23.21 0.55
C ALA B 149 -7.01 22.62 1.93
N VAL B 150 -6.63 21.35 1.99
CA VAL B 150 -6.29 20.73 3.27
C VAL B 150 -5.11 21.45 3.91
N ARG B 151 -4.07 21.72 3.12
CA ARG B 151 -2.88 22.39 3.66
C ARG B 151 -3.19 23.80 4.12
N GLU B 152 -3.98 24.55 3.36
CA GLU B 152 -4.23 25.96 3.62
C GLU B 152 -5.52 26.22 4.38
N ASN B 153 -6.32 25.19 4.66
CA ASN B 153 -7.57 25.33 5.41
C ASN B 153 -8.50 26.34 4.74
N ARG B 154 -8.83 26.10 3.48
CA ARG B 154 -9.70 26.97 2.71
C ARG B 154 -10.96 26.21 2.28
N ALA B 155 -12.07 26.94 2.17
CA ALA B 155 -13.33 26.32 1.79
C ALA B 155 -13.25 25.73 0.39
N LEU B 156 -13.94 24.62 0.19
CA LEU B 156 -13.96 23.93 -1.09
C LEU B 156 -15.40 23.69 -1.53
N THR B 157 -15.60 23.66 -2.84
CA THR B 157 -16.89 23.31 -3.43
C THR B 157 -16.72 22.00 -4.20
N LEU B 158 -17.52 21.00 -3.84
CA LEU B 158 -17.39 19.66 -4.39
C LEU B 158 -18.69 19.23 -5.05
N GLU B 159 -18.59 18.69 -6.25
CA GLU B 159 -19.73 18.08 -6.94
C GLU B 159 -19.58 16.57 -6.81
N TYR B 160 -20.34 15.98 -5.89
CA TYR B 160 -20.23 14.57 -5.57
C TYR B 160 -21.39 13.79 -6.17
N TYR B 161 -21.08 12.60 -6.69
CA TYR B 161 -22.08 11.70 -7.23
C TYR B 161 -22.51 10.73 -6.14
N SER B 162 -23.75 10.88 -5.68
CA SER B 162 -24.32 9.97 -4.70
C SER B 162 -24.92 8.77 -5.44
N ALA B 163 -24.28 7.60 -5.29
CA ALA B 163 -24.76 6.40 -5.96
C ALA B 163 -25.99 5.83 -5.30
N SER B 164 -26.10 5.95 -3.97
CA SER B 164 -27.29 5.43 -3.29
C SER B 164 -28.55 6.14 -3.76
N ARG B 165 -28.50 7.46 -3.90
CA ARG B 165 -29.59 8.24 -4.47
C ARG B 165 -29.41 8.49 -5.96
N ASP B 166 -28.25 8.17 -6.53
CA ASP B 166 -27.97 8.30 -7.96
C ASP B 166 -28.24 9.73 -8.45
N SER B 167 -27.47 10.66 -7.91
CA SER B 167 -27.66 12.07 -8.24
C SER B 167 -26.32 12.79 -8.13
N LEU B 168 -26.31 14.04 -8.58
CA LEU B 168 -25.15 14.93 -8.46
C LEU B 168 -25.49 16.05 -7.50
N ALA B 169 -24.71 16.17 -6.43
CA ALA B 169 -24.94 17.18 -5.40
C ALA B 169 -23.73 18.08 -5.29
N THR B 170 -23.96 19.39 -5.38
CA THR B 170 -22.91 20.39 -5.23
C THR B 170 -22.98 20.93 -3.81
N ARG B 171 -21.89 20.77 -3.06
CA ARG B 171 -21.85 21.14 -1.66
C ARG B 171 -20.64 22.02 -1.38
N THR B 172 -20.75 22.83 -0.33
CA THR B 172 -19.65 23.66 0.17
C THR B 172 -19.15 23.01 1.45
N VAL B 173 -17.94 22.46 1.40
CA VAL B 173 -17.39 21.69 2.51
C VAL B 173 -16.02 22.22 2.89
N ASP B 174 -15.62 21.92 4.11
CA ASP B 174 -14.29 22.24 4.62
C ASP B 174 -13.58 20.96 4.99
N PRO B 175 -12.41 20.66 4.43
CA PRO B 175 -11.72 19.42 4.76
C PRO B 175 -11.22 19.41 6.20
N ILE B 176 -11.05 18.20 6.72
CA ILE B 176 -10.50 17.99 8.05
C ILE B 176 -9.24 17.12 7.99
N ARG B 177 -9.34 15.95 7.39
CA ARG B 177 -8.19 15.06 7.25
C ARG B 177 -8.47 14.10 6.09
N VAL B 178 -7.42 13.44 5.61
CA VAL B 178 -7.52 12.44 4.56
C VAL B 178 -7.13 11.10 5.16
N VAL B 179 -8.00 10.10 4.99
CA VAL B 179 -7.79 8.79 5.57
C VAL B 179 -7.92 7.73 4.48
N LEU B 180 -7.35 6.56 4.74
CA LEU B 180 -7.37 5.44 3.81
C LEU B 180 -8.21 4.32 4.41
N VAL B 181 -9.21 3.86 3.66
CA VAL B 181 -10.05 2.74 4.07
C VAL B 181 -10.05 1.73 2.93
N GLY B 182 -9.50 0.55 3.19
CA GLY B 182 -9.40 -0.46 2.15
C GLY B 182 -8.59 0.05 0.97
N ASP B 183 -9.14 -0.10 -0.23
CA ASP B 183 -8.51 0.39 -1.45
C ASP B 183 -9.13 1.70 -1.93
N ASN B 184 -10.01 2.30 -1.13
CA ASN B 184 -10.70 3.53 -1.50
C ASN B 184 -10.41 4.59 -0.45
N SER B 185 -9.45 5.47 -0.74
CA SER B 185 -9.18 6.59 0.16
C SER B 185 -10.32 7.58 0.11
N TYR B 186 -10.70 8.08 1.28
CA TYR B 186 -11.82 9.01 1.41
C TYR B 186 -11.34 10.31 2.03
N LEU B 187 -11.70 11.42 1.40
CA LEU B 187 -11.50 12.73 1.98
C LEU B 187 -12.59 13.00 3.02
N GLU B 188 -12.19 13.38 4.23
CA GLU B 188 -13.12 13.67 5.30
C GLU B 188 -13.35 15.17 5.37
N ALA B 189 -14.63 15.57 5.30
CA ALA B 189 -14.95 16.99 5.26
C ALA B 189 -16.23 17.27 6.03
N TRP B 190 -16.29 18.46 6.61
CA TRP B 190 -17.50 18.94 7.29
C TRP B 190 -18.30 19.75 6.27
N CYS B 191 -19.56 19.36 6.08
CA CYS B 191 -20.45 20.03 5.14
C CYS B 191 -21.51 20.81 5.92
N ARG B 192 -21.64 22.10 5.59
CA ARG B 192 -22.65 22.95 6.20
C ARG B 192 -24.02 22.80 5.55
N SER B 193 -24.10 22.22 4.35
CA SER B 193 -25.41 21.98 3.74
C SER B 193 -26.25 21.04 4.58
N ALA B 194 -25.62 19.98 5.09
CA ALA B 194 -26.24 19.10 6.07
C ALA B 194 -25.60 19.20 7.44
N GLU B 195 -24.51 19.96 7.56
CA GLU B 195 -23.80 20.16 8.83
C GLU B 195 -23.40 18.81 9.45
N ALA B 196 -22.55 18.08 8.72
CA ALA B 196 -22.12 16.77 9.18
C ALA B 196 -20.77 16.44 8.58
N VAL B 197 -20.09 15.48 9.21
CA VAL B 197 -18.80 14.98 8.73
C VAL B 197 -19.07 13.84 7.77
N ARG B 198 -18.54 13.94 6.55
CA ARG B 198 -18.76 12.94 5.52
C ARG B 198 -17.45 12.58 4.85
N LEU B 199 -17.43 11.37 4.28
CA LEU B 199 -16.27 10.84 3.57
C LEU B 199 -16.62 10.75 2.09
N PHE B 200 -15.88 11.50 1.27
CA PHE B 200 -16.10 11.54 -0.17
C PHE B 200 -14.96 10.82 -0.89
N ARG B 201 -15.30 10.03 -1.89
CA ARG B 201 -14.31 9.28 -2.65
C ARG B 201 -13.84 10.09 -3.84
N PHE B 202 -12.54 9.97 -4.15
CA PHE B 202 -11.94 10.80 -5.19
C PHE B 202 -12.56 10.50 -6.56
N ASP B 203 -12.77 9.23 -6.88
CA ASP B 203 -13.27 8.87 -8.21
C ASP B 203 -14.69 9.36 -8.44
N ARG B 204 -15.42 9.68 -7.39
CA ARG B 204 -16.79 10.18 -7.50
C ARG B 204 -16.86 11.70 -7.54
N ILE B 205 -15.73 12.39 -7.49
CA ILE B 205 -15.68 13.85 -7.52
C ILE B 205 -15.36 14.27 -8.95
N VAL B 206 -16.34 14.88 -9.62
CA VAL B 206 -16.12 15.32 -11.00
C VAL B 206 -15.11 16.46 -11.05
N ASP B 207 -15.29 17.47 -10.20
CA ASP B 207 -14.39 18.60 -10.16
C ASP B 207 -14.52 19.30 -8.81
N ALA B 208 -13.50 20.08 -8.47
CA ALA B 208 -13.48 20.83 -7.23
C ALA B 208 -13.24 22.30 -7.54
N GLN B 209 -13.80 23.17 -6.70
CA GLN B 209 -13.69 24.62 -6.86
C GLN B 209 -13.11 25.23 -5.59
N LEU B 210 -12.03 25.97 -5.73
CA LEU B 210 -11.43 26.66 -4.60
C LEU B 210 -12.13 27.98 -4.34
N LEU B 211 -12.36 28.28 -3.06
CA LEU B 211 -13.01 29.53 -2.67
C LEU B 211 -12.23 30.17 -1.53
N ASP B 212 -12.36 31.48 -1.42
CA ASP B 212 -11.61 32.27 -0.44
C ASP B 212 -12.42 32.48 0.85
N ASP B 213 -12.73 31.35 1.50
CA ASP B 213 -13.44 31.35 2.78
C ASP B 213 -12.71 30.46 3.77
N PRO B 214 -11.57 30.93 4.30
CA PRO B 214 -10.83 30.11 5.28
C PRO B 214 -11.48 30.11 6.65
N ALA B 215 -12.55 29.33 6.78
CA ALA B 215 -13.33 29.23 8.01
C ALA B 215 -13.00 27.91 8.71
N ALA B 216 -12.67 28.01 9.99
CA ALA B 216 -12.36 26.81 10.76
C ALA B 216 -13.63 26.00 10.99
N PRO B 217 -13.64 24.72 10.63
CA PRO B 217 -14.85 23.91 10.83
C PRO B 217 -15.15 23.71 12.30
N PRO B 218 -16.41 23.45 12.65
CA PRO B 218 -16.78 23.22 14.06
C PRO B 218 -16.06 22.03 14.69
N PRO B 219 -15.87 20.90 13.99
CA PRO B 219 -15.31 19.71 14.68
C PRO B 219 -13.96 19.97 15.34
N PRO B 220 -13.05 20.75 14.71
CA PRO B 220 -11.82 21.09 15.44
C PRO B 220 -12.07 21.79 16.78
N ALA B 221 -13.13 22.59 16.88
CA ALA B 221 -13.48 23.24 18.14
C ALA B 221 -14.39 22.39 19.01
N VAL B 222 -14.85 21.24 18.51
CA VAL B 222 -15.76 20.39 19.27
C VAL B 222 -15.14 19.01 19.48
N ALA B 223 -14.95 18.28 18.38
CA ALA B 223 -14.40 16.93 18.46
C ALA B 223 -13.78 16.59 17.12
N ALA B 224 -12.51 16.17 17.14
CA ALA B 224 -11.71 15.97 15.94
C ALA B 224 -11.12 14.57 15.92
N GLY B 225 -11.96 13.58 16.22
CA GLY B 225 -11.56 12.19 16.16
C GLY B 225 -11.17 11.76 14.76
N PRO B 226 -9.99 11.16 14.62
CA PRO B 226 -9.53 10.74 13.29
C PRO B 226 -10.47 9.76 12.59
N ASP B 227 -11.10 8.86 13.34
CA ASP B 227 -11.92 7.83 12.73
C ASP B 227 -13.29 8.39 12.32
N THR B 228 -14.09 8.80 13.30
CA THR B 228 -15.46 9.28 13.10
C THR B 228 -16.25 8.36 12.17
N SER B 229 -16.35 7.10 12.57
CA SER B 229 -17.15 6.12 11.83
C SER B 229 -18.59 6.13 12.38
N LEU B 230 -19.28 7.24 12.11
CA LEU B 230 -20.63 7.42 12.66
C LEU B 230 -21.62 6.42 12.05
N PHE B 231 -21.51 6.15 10.74
CA PHE B 231 -22.42 5.19 10.13
C PHE B 231 -21.70 4.18 9.24
N ASP B 232 -20.41 3.94 9.46
CA ASP B 232 -19.71 2.92 8.68
C ASP B 232 -20.31 1.53 8.92
N ALA B 233 -20.64 1.22 10.18
CA ALA B 233 -21.27 -0.04 10.54
C ALA B 233 -22.22 0.24 11.70
N ASP B 234 -23.51 0.39 11.38
CA ASP B 234 -24.52 0.73 12.37
C ASP B 234 -25.63 -0.30 12.37
N PRO B 235 -26.15 -0.69 13.53
CA PRO B 235 -27.27 -1.64 13.56
C PRO B 235 -28.53 -1.12 12.91
N SER B 236 -28.72 0.21 12.89
CA SER B 236 -29.93 0.78 12.31
C SER B 236 -29.99 0.56 10.80
N LEU B 237 -28.86 0.25 10.18
CA LEU B 237 -28.80 0.04 8.75
C LEU B 237 -29.55 -1.25 8.38
N PRO B 238 -30.55 -1.17 7.50
CA PRO B 238 -31.31 -2.38 7.15
C PRO B 238 -30.46 -3.38 6.40
N SER B 239 -30.78 -4.66 6.58
CA SER B 239 -30.06 -5.76 5.94
C SER B 239 -31.06 -6.65 5.23
N ALA B 240 -30.77 -6.99 3.98
CA ALA B 240 -31.61 -7.88 3.18
C ALA B 240 -30.94 -9.25 3.09
N THR B 241 -31.77 -10.30 3.15
CA THR B 241 -31.34 -11.68 3.09
C THR B 241 -31.58 -12.21 1.69
N LEU B 242 -30.51 -12.57 0.99
CA LEU B 242 -30.58 -12.94 -0.42
C LEU B 242 -29.84 -14.25 -0.67
N LEU B 243 -30.35 -15.00 -1.65
CA LEU B 243 -29.74 -16.24 -2.10
C LEU B 243 -28.83 -15.94 -3.30
N ILE B 244 -27.60 -16.46 -3.25
CA ILE B 244 -26.61 -16.21 -4.28
C ILE B 244 -26.25 -17.53 -4.93
N GLY B 245 -26.26 -17.55 -6.26
CA GLY B 245 -25.91 -18.75 -7.00
C GLY B 245 -24.42 -18.99 -7.05
N ALA B 246 -24.05 -20.19 -7.49
CA ALA B 246 -22.64 -20.55 -7.58
C ALA B 246 -21.93 -19.74 -8.65
N ALA B 247 -22.59 -19.49 -9.78
CA ALA B 247 -21.96 -18.75 -10.87
C ALA B 247 -21.67 -17.31 -10.47
N ALA B 248 -22.59 -16.68 -9.74
CA ALA B 248 -22.44 -15.27 -9.36
C ALA B 248 -21.52 -15.13 -8.14
N ALA B 249 -20.24 -15.45 -8.38
CA ALA B 249 -19.22 -15.29 -7.36
C ALA B 249 -18.52 -13.93 -7.39
N TRP B 250 -18.90 -13.06 -8.33
CA TRP B 250 -18.28 -11.75 -8.42
C TRP B 250 -18.56 -10.93 -7.17
N MET B 251 -19.80 -10.98 -6.68
CA MET B 251 -20.17 -10.20 -5.50
C MET B 251 -19.58 -10.78 -4.22
N PHE B 252 -19.07 -12.01 -4.25
CA PHE B 252 -18.49 -12.62 -3.06
C PHE B 252 -17.21 -11.93 -2.61
N ASP B 253 -16.61 -11.10 -3.47
CA ASP B 253 -15.31 -10.50 -3.19
C ASP B 253 -15.40 -9.01 -2.85
N TYR B 254 -16.15 -8.23 -3.63
CA TYR B 254 -16.18 -6.79 -3.49
C TYR B 254 -17.26 -6.29 -2.56
N TYR B 255 -18.05 -7.18 -1.94
CA TYR B 255 -19.10 -6.75 -1.04
C TYR B 255 -19.07 -7.57 0.24
N PRO B 256 -19.43 -6.95 1.38
CA PRO B 256 -19.38 -7.64 2.69
C PRO B 256 -20.58 -8.54 2.95
N LEU B 257 -20.51 -9.76 2.43
CA LEU B 257 -21.54 -10.76 2.68
C LEU B 257 -21.41 -11.30 4.10
N ARG B 258 -22.57 -11.49 4.75
CA ARG B 258 -22.61 -11.98 6.12
C ARG B 258 -23.56 -13.15 6.22
N ASP B 259 -23.35 -13.98 7.24
CA ASP B 259 -24.17 -15.17 7.50
C ASP B 259 -24.22 -16.07 6.27
N ILE B 260 -23.04 -16.43 5.78
CA ILE B 260 -22.93 -17.26 4.59
C ILE B 260 -23.20 -18.71 4.97
N THR B 261 -24.16 -19.32 4.28
CA THR B 261 -24.54 -20.71 4.51
C THR B 261 -24.36 -21.46 3.21
N GLU B 262 -23.67 -22.60 3.26
CA GLU B 262 -23.38 -23.35 2.05
C GLU B 262 -24.41 -24.46 1.83
N ARG B 263 -24.70 -24.72 0.56
CA ARG B 263 -25.65 -25.77 0.17
C ARG B 263 -25.34 -26.25 -1.24
N PRO B 264 -25.15 -27.56 -1.44
CA PRO B 264 -24.97 -28.07 -2.80
C PRO B 264 -26.16 -27.81 -3.71
N ASP B 265 -27.37 -27.78 -3.16
CA ASP B 265 -28.57 -27.49 -3.93
C ASP B 265 -28.77 -26.01 -4.19
N GLY B 266 -27.93 -25.15 -3.61
CA GLY B 266 -28.08 -23.72 -3.76
C GLY B 266 -29.35 -23.20 -3.12
N SER B 267 -29.68 -23.72 -1.94
CA SER B 267 -30.85 -23.30 -1.19
C SER B 267 -30.49 -22.58 0.10
N CYS B 268 -29.21 -22.34 0.34
CA CYS B 268 -28.74 -21.60 1.52
C CYS B 268 -28.22 -20.24 1.08
N GLU B 269 -28.44 -19.23 1.92
CA GLU B 269 -28.30 -17.84 1.49
C GLU B 269 -27.33 -17.06 2.36
N ALA B 270 -27.26 -15.75 2.14
CA ALA B 270 -26.47 -14.82 2.93
C ALA B 270 -27.29 -13.58 3.23
N THR B 271 -26.70 -12.65 3.98
CA THR B 271 -27.36 -11.41 4.35
C THR B 271 -26.40 -10.25 4.18
N MET B 272 -26.86 -9.15 3.58
CA MET B 272 -26.03 -7.98 3.34
C MET B 272 -26.82 -6.72 3.61
N THR B 273 -26.14 -5.72 4.18
CA THR B 273 -26.79 -4.46 4.50
C THR B 273 -26.90 -3.57 3.27
N TYR B 274 -27.98 -2.79 3.23
CA TYR B 274 -28.21 -1.83 2.15
C TYR B 274 -28.54 -0.47 2.74
N ALA B 275 -27.96 0.58 2.14
CA ALA B 275 -28.22 1.94 2.63
C ALA B 275 -29.60 2.42 2.23
N SER B 276 -30.03 2.13 1.00
CA SER B 276 -31.32 2.57 0.49
C SER B 276 -32.00 1.41 -0.24
N GLU B 277 -33.33 1.46 -0.27
CA GLU B 277 -34.10 0.41 -0.93
C GLU B 277 -33.81 0.38 -2.43
N ASP B 278 -33.69 1.56 -3.05
CA ASP B 278 -33.44 1.61 -4.49
C ASP B 278 -32.09 1.03 -4.84
N TRP B 279 -31.07 1.28 -4.02
CA TRP B 279 -29.74 0.72 -4.27
C TRP B 279 -29.78 -0.80 -4.24
N MET B 280 -30.45 -1.37 -3.23
CA MET B 280 -30.55 -2.83 -3.15
C MET B 280 -31.38 -3.39 -4.30
N ALA B 281 -32.43 -2.68 -4.70
CA ALA B 281 -33.24 -3.15 -5.82
C ALA B 281 -32.42 -3.19 -7.11
N ARG B 282 -31.64 -2.14 -7.36
CA ARG B 282 -30.77 -2.13 -8.54
C ARG B 282 -29.73 -3.23 -8.47
N PHE B 283 -29.15 -3.44 -7.29
CA PHE B 283 -28.14 -4.47 -7.12
C PHE B 283 -28.73 -5.86 -7.39
N ILE B 284 -29.95 -6.10 -6.92
CA ILE B 284 -30.61 -7.38 -7.16
C ILE B 284 -30.92 -7.54 -8.65
N LEU B 285 -31.48 -6.50 -9.27
CA LEU B 285 -31.85 -6.59 -10.67
C LEU B 285 -30.66 -6.73 -11.59
N GLY B 286 -29.47 -6.29 -11.16
CA GLY B 286 -28.30 -6.41 -12.00
C GLY B 286 -27.93 -7.85 -12.31
N PHE B 287 -27.91 -8.70 -11.28
CA PHE B 287 -27.47 -10.08 -11.46
C PHE B 287 -28.45 -10.94 -12.24
N GLY B 288 -29.69 -10.49 -12.40
CA GLY B 288 -30.66 -11.32 -13.10
C GLY B 288 -31.07 -12.53 -12.28
N ALA B 289 -31.21 -13.67 -12.96
CA ALA B 289 -31.62 -14.90 -12.30
C ALA B 289 -30.55 -15.49 -11.39
N GLU B 290 -29.32 -14.96 -11.44
CA GLU B 290 -28.25 -15.51 -10.62
C GLU B 290 -28.52 -15.33 -9.13
N VAL B 291 -29.23 -14.27 -8.75
CA VAL B 291 -29.53 -13.97 -7.36
C VAL B 291 -31.04 -14.02 -7.17
N GLN B 292 -31.49 -14.75 -6.14
CA GLN B 292 -32.90 -14.90 -5.83
C GLN B 292 -33.20 -14.22 -4.50
N VAL B 293 -34.29 -13.47 -4.46
CA VAL B 293 -34.65 -12.70 -3.27
C VAL B 293 -35.35 -13.59 -2.26
N LEU B 294 -34.99 -13.45 -0.99
CA LEU B 294 -35.62 -14.20 0.09
C LEU B 294 -36.31 -13.31 1.10
N ALA B 295 -35.63 -12.31 1.64
CA ALA B 295 -36.22 -11.45 2.67
C ALA B 295 -35.66 -10.05 2.54
N PRO B 296 -36.45 -9.02 2.87
CA PRO B 296 -37.85 -9.06 3.35
C PRO B 296 -38.85 -9.23 2.22
N GLU B 297 -40.11 -9.57 2.56
CA GLU B 297 -41.12 -9.77 1.54
C GLU B 297 -41.44 -8.49 0.79
N SER B 298 -41.44 -7.35 1.51
CA SER B 298 -41.72 -6.07 0.86
C SER B 298 -40.68 -5.75 -0.20
N LEU B 299 -39.41 -6.01 0.10
CA LEU B 299 -38.36 -5.80 -0.89
C LEU B 299 -38.55 -6.68 -2.11
N ALA B 300 -38.94 -7.94 -1.89
CA ALA B 300 -39.19 -8.84 -3.01
C ALA B 300 -40.35 -8.34 -3.87
N THR B 301 -41.42 -7.87 -3.23
CA THR B 301 -42.55 -7.32 -3.98
C THR B 301 -42.15 -6.09 -4.77
N ARG B 302 -41.34 -5.22 -4.17
CA ARG B 302 -40.87 -4.03 -4.87
C ARG B 302 -40.01 -4.41 -6.08
N VAL B 303 -39.14 -5.40 -5.90
CA VAL B 303 -38.30 -5.86 -7.00
C VAL B 303 -39.15 -6.44 -8.12
N ARG B 304 -40.17 -7.23 -7.77
CA ARG B 304 -41.06 -7.79 -8.78
C ARG B 304 -41.80 -6.69 -9.54
N GLN B 305 -42.30 -5.69 -8.82
CA GLN B 305 -43.00 -4.59 -9.47
C GLN B 305 -42.06 -3.82 -10.40
N ALA B 306 -40.83 -3.57 -9.95
CA ALA B 306 -39.86 -2.88 -10.80
C ALA B 306 -39.55 -3.69 -12.05
N ALA B 307 -39.39 -5.01 -11.91
CA ALA B 307 -39.12 -5.85 -13.07
C ALA B 307 -40.29 -5.84 -14.04
N GLU B 308 -41.53 -5.89 -13.52
CA GLU B 308 -42.70 -5.83 -14.38
C GLU B 308 -42.77 -4.49 -15.11
N ALA B 309 -42.48 -3.40 -14.41
CA ALA B 309 -42.48 -2.08 -15.05
C ALA B 309 -41.41 -2.00 -16.13
N ALA B 310 -40.23 -2.55 -15.87
CA ALA B 310 -39.16 -2.54 -16.87
C ALA B 310 -39.56 -3.37 -18.09
N LEU B 311 -40.18 -4.53 -17.87
CA LEU B 311 -40.64 -5.34 -18.99
C LEU B 311 -41.69 -4.61 -19.81
N GLN B 312 -42.63 -3.93 -19.14
CA GLN B 312 -43.65 -3.16 -19.86
C GLN B 312 -43.01 -2.03 -20.65
N ALA B 313 -42.04 -1.34 -20.06
CA ALA B 313 -41.36 -0.25 -20.76
C ALA B 313 -40.62 -0.77 -21.99
N TYR B 314 -39.94 -1.91 -21.85
CA TYR B 314 -39.25 -2.49 -23.00
C TYR B 314 -40.23 -2.91 -24.09
N ALA B 315 -41.38 -3.45 -23.68
CA ALA B 315 -42.41 -3.82 -24.66
C ALA B 315 -42.93 -2.59 -25.40
N ARG B 316 -43.17 -1.50 -24.68
CA ARG B 316 -43.66 -0.27 -25.31
C ARG B 316 -42.59 0.35 -26.20
N CYS B 317 -41.34 0.33 -25.77
CA CYS B 317 -40.26 0.93 -26.54
C CYS B 317 -39.84 0.01 -27.68
N VAL B 318 -39.09 0.57 -28.63
CA VAL B 318 -38.60 -0.18 -29.77
C VAL B 318 -37.23 0.35 -30.19
#